data_7QB9
#
_entry.id   7QB9
#
_cell.length_a   1.00
_cell.length_b   1.00
_cell.length_c   1.00
_cell.angle_alpha   90.00
_cell.angle_beta   90.00
_cell.angle_gamma   90.00
#
_symmetry.space_group_name_H-M   'P 1'
#
loop_
_entity.id
_entity.type
_entity.pdbx_description
1 polymer 'Pheromone alpha factor receptor'
2 non-polymer 2-acetamido-2-deoxy-beta-D-glucopyranose
3 non-polymer 'CHOLESTEROL HEMISUCCINATE'
#
_entity_poly.entity_id   1
_entity_poly.type   'polypeptide(L)'
_entity_poly.pdbx_seq_one_letter_code
;MSDAAPSLSNLFYDPTYNPGQSTINYTSIYGNGSTITFDELQGLVNSTVTQAIMFGVRCGAAALTLIVMWMTSRSRKTPI
FIINQVSLFLIILHSALYFKYLLSNYSSVTYALTGFPQFISRGDVHVYGATNIIQVLLVASIETSLVFQIKVIFTGDNFK
RIGLMLTSISFTLGIATVTMYFVSAVKGMIVTYNDVSATQDKYFNASTILLASSINFMSFVLVVKLILAIRSRRFLGLKQ
FDSFHILLIMSCQSLLVPSIIFILAYSLKPNQGTDVLTTVATLLAVLSLPLSSMWATAANNASKTNTITSDFTTSTDRFY
PGTLSSFQTDSINNDAKSSLRSRLYDLYPRRKETTSDKHSERTFVSETADDIEKNQFYQLPTPTSSKNTRIGPFADASYK
EGEVEPVDMYTPDTAADEEARKFWTEDNNNL
;
_entity_poly.pdbx_strand_id   A,B
#
loop_
_chem_comp.id
_chem_comp.type
_chem_comp.name
_chem_comp.formula
NAG D-saccharide, beta linking 2-acetamido-2-deoxy-beta-D-glucopyranose 'C8 H15 N O6'
Y01 non-polymer 'CHOLESTEROL HEMISUCCINATE' 'C31 H50 O4'
#
# COMPACT_ATOMS: atom_id res chain seq x y z
N ALA A 5 7.99 -19.64 34.43
CA ALA A 5 7.20 -18.96 35.45
C ALA A 5 7.69 -19.33 36.85
N PRO A 6 8.73 -18.65 37.34
CA PRO A 6 9.24 -18.94 38.70
C PRO A 6 8.26 -18.57 39.80
N SER A 7 7.80 -17.32 39.79
CA SER A 7 6.89 -16.84 40.83
C SER A 7 6.17 -15.61 40.31
N LEU A 8 4.84 -15.61 40.42
CA LEU A 8 4.04 -14.47 40.00
C LEU A 8 4.01 -13.43 41.10
N SER A 9 4.17 -12.16 40.71
CA SER A 9 4.24 -11.07 41.66
C SER A 9 2.85 -10.63 42.11
N ASN A 10 2.80 -9.68 43.04
CA ASN A 10 1.55 -9.13 43.53
C ASN A 10 0.87 -8.27 42.47
N LEU A 11 1.65 -7.71 41.53
CA LEU A 11 1.12 -6.84 40.50
C LEU A 11 0.19 -7.56 39.52
N PHE A 12 0.23 -8.89 39.48
CA PHE A 12 -0.69 -9.67 38.67
C PHE A 12 -2.10 -9.69 39.24
N TYR A 13 -2.31 -9.18 40.46
CA TYR A 13 -3.61 -9.22 41.11
C TYR A 13 -4.09 -7.82 41.52
N ASP A 14 -3.50 -6.77 40.95
CA ASP A 14 -3.94 -5.42 41.21
C ASP A 14 -4.79 -4.93 40.05
N PRO A 15 -6.10 -4.72 40.24
CA PRO A 15 -6.93 -4.22 39.14
C PRO A 15 -6.62 -2.79 38.75
N THR A 16 -6.09 -1.98 39.66
CA THR A 16 -5.81 -0.58 39.39
C THR A 16 -4.39 -0.33 38.91
N TYR A 17 -3.58 -1.39 38.74
CA TYR A 17 -2.22 -1.21 38.24
C TYR A 17 -2.24 -0.90 36.76
N ASN A 18 -1.46 0.10 36.36
CA ASN A 18 -1.41 0.55 34.97
C ASN A 18 -0.02 0.33 34.39
N PRO A 19 0.19 -0.73 33.61
CA PRO A 19 1.42 -0.83 32.83
C PRO A 19 1.44 0.23 31.74
N GLY A 20 2.65 0.64 31.36
CA GLY A 20 2.85 1.78 30.48
C GLY A 20 3.33 3.01 31.21
N GLN A 21 3.01 3.12 32.51
CA GLN A 21 3.59 4.13 33.37
C GLN A 21 4.80 3.62 34.13
N SER A 22 5.24 2.40 33.83
CA SER A 22 6.45 1.85 34.40
C SER A 22 7.66 2.51 33.74
N THR A 23 8.86 2.16 34.20
CA THR A 23 10.06 2.84 33.73
C THR A 23 11.09 1.86 33.20
N ILE A 24 11.60 2.17 32.02
CA ILE A 24 12.70 1.43 31.40
C ILE A 24 13.99 2.10 31.87
N ASN A 25 14.96 1.26 32.25
CA ASN A 25 16.29 1.68 32.66
C ASN A 25 17.25 1.35 31.52
N TYR A 26 18.05 2.31 31.06
CA TYR A 26 18.90 2.02 29.91
C TYR A 26 20.20 2.80 30.05
N THR A 27 21.11 2.53 29.11
CA THR A 27 22.43 3.17 29.05
C THR A 27 22.47 4.06 27.80
N SER A 28 23.00 5.27 27.95
CA SER A 28 23.06 6.20 26.82
C SER A 28 24.45 6.83 26.70
N ILE A 29 24.57 7.85 25.85
CA ILE A 29 25.83 8.56 25.71
C ILE A 29 26.14 9.43 26.93
N TYR A 30 25.12 9.76 27.73
CA TYR A 30 25.30 10.54 28.95
C TYR A 30 25.55 9.68 30.17
N GLY A 31 26.07 8.47 29.98
CA GLY A 31 26.33 7.55 31.07
C GLY A 31 25.16 6.61 31.34
N ASN A 32 25.46 5.55 32.06
CA ASN A 32 24.44 4.58 32.45
C ASN A 32 23.52 5.19 33.50
N GLY A 33 22.25 4.82 33.44
CA GLY A 33 21.25 5.34 34.34
C GLY A 33 20.15 6.20 33.74
N SER A 34 19.92 6.13 32.43
CA SER A 34 18.85 6.89 31.81
C SER A 34 17.55 6.12 31.92
N THR A 35 16.43 6.84 31.89
CA THR A 35 15.13 6.25 32.17
C THR A 35 14.11 6.83 31.22
N ILE A 36 13.10 6.02 30.89
CA ILE A 36 12.02 6.45 30.01
C ILE A 36 10.77 5.69 30.42
N THR A 37 9.60 6.16 30.00
CA THR A 37 8.37 5.42 30.20
C THR A 37 8.03 4.61 28.96
N PHE A 38 7.18 3.60 29.14
CA PHE A 38 6.76 2.74 28.04
C PHE A 38 5.90 3.47 27.01
N ASP A 39 5.25 4.58 27.40
CA ASP A 39 4.38 5.28 26.48
C ASP A 39 5.16 6.12 25.49
N GLU A 40 6.36 6.58 25.86
CA GLU A 40 7.20 7.29 24.90
C GLU A 40 7.84 6.33 23.92
N LEU A 41 8.19 5.12 24.38
CA LEU A 41 8.66 4.07 23.48
C LEU A 41 7.57 3.67 22.49
N GLN A 42 6.34 3.50 22.97
CA GLN A 42 5.24 3.15 22.07
C GLN A 42 4.90 4.30 21.13
N GLY A 43 5.10 5.55 21.56
CA GLY A 43 4.92 6.67 20.66
C GLY A 43 5.99 6.75 19.60
N LEU A 44 7.21 6.32 19.92
CA LEU A 44 8.25 6.22 18.89
C LEU A 44 7.94 5.11 17.89
N VAL A 45 7.39 3.98 18.37
CA VAL A 45 7.12 2.86 17.46
C VAL A 45 5.92 3.15 16.56
N ASN A 46 4.92 3.87 17.09
CA ASN A 46 3.67 4.07 16.35
C ASN A 46 3.84 5.04 15.18
N SER A 47 4.86 5.91 15.21
CA SER A 47 5.04 6.81 14.09
C SER A 47 5.68 6.11 12.89
N THR A 48 6.56 5.14 13.15
CA THR A 48 7.09 4.30 12.07
C THR A 48 6.00 3.39 11.50
N VAL A 49 5.16 2.83 12.39
CA VAL A 49 4.06 1.99 11.93
C VAL A 49 3.05 2.81 11.14
N THR A 50 2.89 4.10 11.48
CA THR A 50 1.96 4.95 10.75
C THR A 50 2.53 5.46 9.43
N GLN A 51 3.85 5.62 9.32
CA GLN A 51 4.40 6.09 8.05
C GLN A 51 4.86 4.97 7.13
N ALA A 52 4.74 3.70 7.54
CA ALA A 52 4.95 2.64 6.56
C ALA A 52 3.70 2.33 5.74
N ILE A 53 2.52 2.50 6.35
CA ILE A 53 1.25 2.25 5.67
C ILE A 53 1.05 3.17 4.47
N MET A 54 1.37 4.46 4.64
CA MET A 54 1.16 5.44 3.58
C MET A 54 2.04 5.15 2.37
N PHE A 55 3.32 4.82 2.60
CA PHE A 55 4.22 4.55 1.49
C PHE A 55 3.91 3.20 0.84
N GLY A 56 3.33 2.26 1.59
CA GLY A 56 2.85 1.04 0.96
C GLY A 56 1.65 1.28 0.05
N VAL A 57 0.74 2.15 0.50
CA VAL A 57 -0.41 2.56 -0.32
C VAL A 57 0.06 3.27 -1.58
N ARG A 58 1.09 4.13 -1.45
CA ARG A 58 1.65 4.86 -2.57
C ARG A 58 2.24 3.91 -3.61
N CYS A 59 3.06 2.94 -3.15
CA CYS A 59 3.69 1.98 -4.05
C CYS A 59 2.65 1.13 -4.78
N GLY A 60 1.63 0.67 -4.05
CA GLY A 60 0.60 -0.16 -4.66
C GLY A 60 -0.22 0.58 -5.70
N ALA A 61 -0.75 1.76 -5.32
CA ALA A 61 -1.56 2.58 -6.21
C ALA A 61 -0.79 2.97 -7.48
N ALA A 62 0.43 3.49 -7.34
CA ALA A 62 1.19 3.91 -8.52
C ALA A 62 1.58 2.72 -9.40
N ALA A 63 1.93 1.58 -8.78
CA ALA A 63 2.32 0.41 -9.54
C ALA A 63 1.16 -0.15 -10.35
N LEU A 64 -0.04 -0.12 -9.80
CA LEU A 64 -1.16 -0.64 -10.57
C LEU A 64 -1.80 0.42 -11.46
N THR A 65 -1.46 1.71 -11.29
CA THR A 65 -1.99 2.73 -12.19
C THR A 65 -1.11 2.92 -13.43
N LEU A 66 0.12 2.43 -13.38
CA LEU A 66 1.01 2.55 -14.54
C LEU A 66 0.57 1.58 -15.65
N ILE A 67 0.32 0.33 -15.27
CA ILE A 67 -0.12 -0.70 -16.21
C ILE A 67 -1.45 -0.32 -16.84
N VAL A 68 -2.38 0.17 -16.02
CA VAL A 68 -3.72 0.56 -16.48
C VAL A 68 -3.62 1.69 -17.49
N MET A 69 -2.78 2.69 -17.21
CA MET A 69 -2.63 3.81 -18.15
C MET A 69 -2.01 3.35 -19.47
N TRP A 70 -1.08 2.39 -19.43
CA TRP A 70 -0.57 1.82 -20.68
C TRP A 70 -1.65 1.10 -21.48
N MET A 71 -2.40 0.21 -20.82
CA MET A 71 -3.39 -0.61 -21.52
C MET A 71 -4.67 0.13 -21.89
N THR A 72 -4.86 1.36 -21.43
CA THR A 72 -6.15 1.99 -21.67
C THR A 72 -6.07 3.22 -22.58
N SER A 73 -4.99 3.98 -22.53
CA SER A 73 -4.80 5.10 -23.45
C SER A 73 -4.47 4.60 -24.85
N ARG A 74 -5.04 5.25 -25.86
CA ARG A 74 -4.86 4.84 -27.25
C ARG A 74 -3.70 5.56 -27.94
N SER A 75 -3.53 6.84 -27.68
CA SER A 75 -2.43 7.62 -28.26
C SER A 75 -1.34 7.77 -27.21
N ARG A 76 -0.17 7.21 -27.49
CA ARG A 76 0.91 7.08 -26.52
C ARG A 76 2.19 7.73 -27.01
N LYS A 77 2.07 8.82 -27.76
CA LYS A 77 3.23 9.57 -28.22
C LYS A 77 3.20 11.04 -27.81
N THR A 78 2.17 11.48 -27.11
CA THR A 78 2.12 12.84 -26.60
C THR A 78 3.12 13.03 -25.47
N PRO A 79 3.67 14.23 -25.31
CA PRO A 79 4.57 14.49 -24.17
C PRO A 79 3.91 14.34 -22.80
N ILE A 80 2.62 14.71 -22.70
CA ILE A 80 1.91 14.69 -21.44
C ILE A 80 1.78 13.27 -20.91
N PHE A 81 1.58 12.31 -21.82
CA PHE A 81 1.53 10.89 -21.47
C PHE A 81 2.86 10.42 -20.89
N ILE A 82 3.97 10.80 -21.54
CA ILE A 82 5.30 10.38 -21.11
C ILE A 82 5.64 10.94 -19.73
N ILE A 83 5.31 12.23 -19.50
CA ILE A 83 5.62 12.85 -18.21
C ILE A 83 4.74 12.27 -17.09
N ASN A 84 3.44 12.09 -17.37
CA ASN A 84 2.55 11.43 -16.42
C ASN A 84 2.97 10.00 -16.16
N GLN A 85 3.64 9.36 -17.11
CA GLN A 85 4.03 7.97 -16.98
C GLN A 85 5.38 7.81 -16.27
N VAL A 86 6.21 8.85 -16.26
CA VAL A 86 7.45 8.78 -15.48
C VAL A 86 7.28 9.32 -14.06
N SER A 87 6.24 10.11 -13.79
CA SER A 87 6.00 10.57 -12.42
C SER A 87 5.61 9.40 -11.50
N LEU A 88 4.79 8.48 -11.99
CA LEU A 88 4.43 7.30 -11.19
C LEU A 88 5.62 6.36 -11.00
N PHE A 89 6.57 6.37 -11.93
CA PHE A 89 7.75 5.53 -11.77
C PHE A 89 8.69 6.12 -10.74
N LEU A 90 8.75 7.46 -10.66
CA LEU A 90 9.55 8.06 -9.60
C LEU A 90 8.86 7.90 -8.24
N ILE A 91 7.53 7.80 -8.22
CA ILE A 91 6.81 7.46 -7.00
C ILE A 91 7.18 6.06 -6.52
N ILE A 92 7.25 5.09 -7.45
CA ILE A 92 7.55 3.71 -7.07
C ILE A 92 9.00 3.59 -6.61
N LEU A 93 9.92 4.29 -7.27
CA LEU A 93 11.33 4.25 -6.86
C LEU A 93 11.53 4.91 -5.50
N HIS A 94 10.83 6.02 -5.26
CA HIS A 94 10.86 6.68 -3.96
C HIS A 94 10.34 5.78 -2.85
N SER A 95 9.24 5.06 -3.11
CA SER A 95 8.68 4.15 -2.13
C SER A 95 9.62 2.97 -1.85
N ALA A 96 10.29 2.46 -2.89
CA ALA A 96 11.23 1.35 -2.71
C ALA A 96 12.41 1.77 -1.84
N LEU A 97 12.99 2.94 -2.12
CA LEU A 97 14.10 3.42 -1.30
C LEU A 97 13.65 3.76 0.11
N TYR A 98 12.41 4.21 0.29
CA TYR A 98 11.91 4.46 1.64
C TYR A 98 11.71 3.16 2.42
N PHE A 99 11.25 2.09 1.75
CA PHE A 99 11.14 0.79 2.41
C PHE A 99 12.51 0.27 2.83
N LYS A 100 13.52 0.44 1.97
CA LYS A 100 14.89 0.10 2.36
C LYS A 100 15.35 0.92 3.56
N TYR A 101 15.03 2.22 3.57
CA TYR A 101 15.47 3.11 4.64
C TYR A 101 14.83 2.79 5.98
N LEU A 102 13.54 2.43 5.99
CA LEU A 102 12.80 2.26 7.25
C LEU A 102 13.27 1.07 8.08
N LEU A 103 13.87 0.06 7.47
CA LEU A 103 14.30 -1.14 8.19
C LEU A 103 15.79 -1.16 8.49
N SER A 104 16.48 -0.02 8.32
CA SER A 104 17.91 0.05 8.54
C SER A 104 18.18 0.44 10.01
N ASN A 105 19.38 0.94 10.29
CA ASN A 105 19.79 1.25 11.67
C ASN A 105 19.61 2.74 11.96
N TYR A 106 19.14 3.54 11.02
CA TYR A 106 19.03 4.99 11.20
C TYR A 106 17.62 5.33 11.69
N SER A 107 16.65 4.45 11.44
CA SER A 107 15.29 4.66 11.97
C SER A 107 14.97 3.54 12.95
N SER A 108 15.86 3.29 13.91
CA SER A 108 15.54 2.27 14.90
C SER A 108 15.38 2.88 16.28
N VAL A 109 14.79 2.10 17.18
CA VAL A 109 14.63 2.54 18.57
C VAL A 109 15.99 2.60 19.28
N THR A 110 16.93 1.73 18.88
CA THR A 110 18.25 1.69 19.48
C THR A 110 18.98 3.03 19.31
N TYR A 111 19.02 3.53 18.08
CA TYR A 111 19.62 4.84 17.81
C TYR A 111 18.87 5.96 18.51
N ALA A 112 17.53 5.91 18.49
CA ALA A 112 16.71 6.95 19.11
C ALA A 112 16.97 7.08 20.60
N LEU A 113 16.86 5.97 21.35
CA LEU A 113 17.08 6.01 22.79
C LEU A 113 18.55 6.22 23.11
N THR A 114 19.44 5.47 22.46
CA THR A 114 20.88 5.56 22.68
C THR A 114 21.51 6.22 21.46
N GLY A 115 21.90 7.48 21.60
CA GLY A 115 22.42 8.23 20.47
C GLY A 115 23.88 7.98 20.16
N PHE A 116 24.26 6.73 19.99
CA PHE A 116 25.65 6.38 19.72
C PHE A 116 25.93 6.50 18.22
N PRO A 117 26.93 7.28 17.82
CA PRO A 117 27.27 7.36 16.38
C PRO A 117 28.00 6.14 15.85
N GLN A 118 28.38 5.19 16.71
CA GLN A 118 29.00 3.95 16.23
C GLN A 118 27.99 3.04 15.53
N PHE A 119 26.70 3.21 15.81
CA PHE A 119 25.67 2.34 15.24
C PHE A 119 25.37 2.65 13.78
N ILE A 120 25.77 3.82 13.29
CA ILE A 120 25.49 4.23 11.92
C ILE A 120 26.71 3.97 11.05
N SER A 121 26.51 3.24 9.96
CA SER A 121 27.58 2.89 9.04
C SER A 121 27.44 3.69 7.75
N ARG A 122 28.55 3.79 7.02
CA ARG A 122 28.55 4.43 5.71
C ARG A 122 27.72 3.60 4.74
N GLY A 123 26.69 4.22 4.17
CA GLY A 123 25.73 3.52 3.34
C GLY A 123 24.31 3.84 3.79
N ASP A 124 24.10 3.93 5.10
CA ASP A 124 22.81 4.37 5.61
C ASP A 124 22.58 5.85 5.29
N VAL A 125 23.63 6.66 5.36
CA VAL A 125 23.52 8.05 4.93
C VAL A 125 23.38 8.17 3.42
N HIS A 126 23.79 7.15 2.66
CA HIS A 126 23.61 7.21 1.21
C HIS A 126 22.21 6.81 0.82
N VAL A 127 21.61 5.86 1.55
CA VAL A 127 20.21 5.52 1.33
C VAL A 127 19.31 6.65 1.85
N TYR A 128 19.77 7.39 2.85
CA TYR A 128 19.03 8.58 3.28
C TYR A 128 19.29 9.80 2.40
N GLY A 129 20.30 9.76 1.54
CA GLY A 129 20.55 10.90 0.67
C GLY A 129 20.07 10.72 -0.76
N ALA A 130 19.89 9.46 -1.19
CA ALA A 130 19.28 9.21 -2.49
C ALA A 130 17.80 9.57 -2.51
N THR A 131 17.13 9.40 -1.36
CA THR A 131 15.70 9.66 -1.25
C THR A 131 15.37 11.13 -1.48
N ASN A 132 16.22 12.01 -0.97
CA ASN A 132 16.06 13.46 -1.14
C ASN A 132 16.47 13.95 -2.51
N ILE A 133 16.94 13.08 -3.42
CA ILE A 133 17.17 13.47 -4.80
C ILE A 133 16.05 12.90 -5.68
N ILE A 134 15.51 11.75 -5.26
CA ILE A 134 14.31 11.21 -5.91
C ILE A 134 13.13 12.14 -5.68
N GLN A 135 13.05 12.75 -4.48
CA GLN A 135 11.97 13.70 -4.20
C GLN A 135 12.04 14.93 -5.10
N VAL A 136 13.25 15.47 -5.33
CA VAL A 136 13.42 16.63 -6.19
C VAL A 136 13.09 16.28 -7.65
N LEU A 137 13.36 15.04 -8.06
CA LEU A 137 13.06 14.70 -9.45
C LEU A 137 11.57 14.45 -9.65
N LEU A 138 10.89 13.95 -8.61
CA LEU A 138 9.44 13.80 -8.66
C LEU A 138 8.76 15.17 -8.70
N VAL A 139 9.27 16.15 -7.95
CA VAL A 139 8.70 17.49 -7.95
C VAL A 139 8.92 18.16 -9.31
N ALA A 140 10.12 17.98 -9.90
CA ALA A 140 10.40 18.51 -11.23
C ALA A 140 9.46 17.92 -12.28
N SER A 141 9.17 16.63 -12.18
CA SER A 141 8.23 16.00 -13.12
C SER A 141 6.82 16.55 -12.96
N ILE A 142 6.37 16.77 -11.72
CA ILE A 142 5.04 17.34 -11.49
C ILE A 142 4.94 18.75 -12.07
N GLU A 143 5.97 19.59 -11.81
CA GLU A 143 5.95 20.96 -12.32
C GLU A 143 5.98 21.02 -13.86
N THR A 144 6.82 20.20 -14.50
CA THR A 144 6.84 20.20 -15.97
C THR A 144 5.51 19.69 -16.54
N SER A 145 4.86 18.73 -15.87
CA SER A 145 3.52 18.28 -16.28
C SER A 145 2.52 19.43 -16.23
N LEU A 146 2.55 20.22 -15.15
CA LEU A 146 1.64 21.36 -15.02
C LEU A 146 1.90 22.42 -16.09
N VAL A 147 3.17 22.67 -16.41
CA VAL A 147 3.52 23.67 -17.44
C VAL A 147 3.03 23.20 -18.80
N PHE A 148 3.16 21.90 -19.09
CA PHE A 148 2.68 21.37 -20.36
C PHE A 148 1.16 21.38 -20.42
N GLN A 149 0.49 21.24 -19.28
CA GLN A 149 -0.97 21.36 -19.27
C GLN A 149 -1.42 22.80 -19.49
N ILE A 150 -0.63 23.78 -19.04
CA ILE A 150 -0.98 25.19 -19.27
C ILE A 150 -0.74 25.58 -20.74
N LYS A 151 0.31 25.04 -21.36
CA LYS A 151 0.64 25.39 -22.76
C LYS A 151 -0.49 25.04 -23.74
N VAL A 152 -1.18 23.91 -23.53
CA VAL A 152 -2.09 23.41 -24.54
C VAL A 152 -3.48 24.06 -24.46
N ILE A 153 -3.81 24.72 -23.34
CA ILE A 153 -5.15 25.27 -23.13
C ILE A 153 -5.42 26.44 -24.08
N PHE A 154 -4.48 27.37 -24.18
CA PHE A 154 -4.66 28.60 -24.97
C PHE A 154 -3.95 28.54 -26.31
N THR A 155 -4.00 27.39 -26.97
CA THR A 155 -3.39 27.23 -28.30
C THR A 155 -4.12 28.06 -29.35
N GLY A 156 -5.42 28.27 -29.19
CA GLY A 156 -6.20 29.01 -30.16
C GLY A 156 -5.95 30.51 -30.10
N ASP A 157 -6.65 31.23 -30.98
CA ASP A 157 -6.48 32.65 -31.15
C ASP A 157 -7.58 33.47 -30.46
N ASN A 158 -8.34 32.85 -29.56
CA ASN A 158 -9.36 33.58 -28.83
C ASN A 158 -8.72 34.52 -27.81
N PHE A 159 -7.74 34.02 -27.05
CA PHE A 159 -7.01 34.83 -26.07
C PHE A 159 -5.53 34.48 -26.20
N LYS A 160 -4.82 35.22 -27.04
CA LYS A 160 -3.40 35.02 -27.25
C LYS A 160 -2.55 36.00 -26.44
N ARG A 161 -3.13 36.61 -25.41
CA ARG A 161 -2.43 37.56 -24.56
C ARG A 161 -2.59 37.29 -23.08
N ILE A 162 -3.42 36.32 -22.70
CA ILE A 162 -3.60 35.92 -21.31
C ILE A 162 -2.80 34.64 -21.08
N GLY A 163 -2.72 33.82 -22.14
CA GLY A 163 -2.03 32.54 -22.04
C GLY A 163 -0.54 32.69 -21.76
N LEU A 164 0.08 33.71 -22.36
CA LEU A 164 1.51 33.92 -22.14
C LEU A 164 1.77 34.43 -20.74
N MET A 165 0.83 35.20 -20.18
CA MET A 165 0.95 35.66 -18.80
C MET A 165 0.79 34.49 -17.84
N LEU A 166 -0.09 33.54 -18.17
CA LEU A 166 -0.30 32.44 -17.24
C LEU A 166 0.86 31.45 -17.33
N THR A 167 1.41 31.28 -18.53
CA THR A 167 2.61 30.46 -18.67
C THR A 167 3.80 31.11 -17.96
N SER A 168 3.84 32.44 -17.89
CA SER A 168 4.92 33.11 -17.18
C SER A 168 4.69 33.17 -15.67
N ILE A 169 3.49 32.83 -15.19
CA ILE A 169 3.28 32.73 -13.74
C ILE A 169 3.28 31.25 -13.31
N SER A 170 3.25 30.32 -14.26
CA SER A 170 3.34 28.90 -13.94
C SER A 170 4.72 28.32 -14.26
N PHE A 171 5.58 29.06 -14.94
CA PHE A 171 6.95 28.64 -15.22
C PHE A 171 7.91 29.07 -14.10
N THR A 172 7.85 30.35 -13.71
CA THR A 172 8.69 30.91 -12.66
C THR A 172 8.46 30.19 -11.33
N LEU A 173 7.21 29.85 -11.03
CA LEU A 173 6.91 29.18 -9.78
C LEU A 173 7.38 27.72 -9.78
N GLY A 174 7.54 27.11 -10.96
CA GLY A 174 8.07 25.76 -11.00
C GLY A 174 9.57 25.70 -10.88
N ILE A 175 10.28 26.68 -11.44
CA ILE A 175 11.73 26.69 -11.17
C ILE A 175 11.98 27.19 -9.75
N ALA A 176 11.08 27.99 -9.17
CA ALA A 176 11.21 28.37 -7.77
C ALA A 176 11.05 27.16 -6.84
N THR A 177 10.08 26.30 -7.13
CA THR A 177 9.86 25.11 -6.31
C THR A 177 11.02 24.11 -6.45
N VAL A 178 11.43 23.80 -7.69
CA VAL A 178 12.53 22.85 -7.89
C VAL A 178 13.85 23.38 -7.34
N THR A 179 14.02 24.71 -7.31
CA THR A 179 15.24 25.26 -6.74
C THR A 179 15.22 25.25 -5.22
N MET A 180 14.09 25.58 -4.60
CA MET A 180 14.01 25.48 -3.14
C MET A 180 14.11 24.03 -2.66
N TYR A 181 13.78 23.06 -3.52
CA TYR A 181 13.93 21.67 -3.10
C TYR A 181 15.37 21.19 -3.30
N PHE A 182 16.05 21.62 -4.35
CA PHE A 182 17.45 21.24 -4.50
C PHE A 182 18.35 21.94 -3.47
N VAL A 183 18.03 23.18 -3.10
CA VAL A 183 18.82 23.85 -2.08
C VAL A 183 18.54 23.27 -0.70
N SER A 184 17.30 22.86 -0.42
CA SER A 184 17.03 22.22 0.87
C SER A 184 17.67 20.83 0.96
N ALA A 185 17.75 20.11 -0.16
CA ALA A 185 18.34 18.79 -0.14
C ALA A 185 19.86 18.85 0.00
N VAL A 186 20.52 19.72 -0.77
CA VAL A 186 21.97 19.89 -0.62
C VAL A 186 22.35 20.47 0.74
N LYS A 187 21.47 21.31 1.33
CA LYS A 187 21.84 21.89 2.61
C LYS A 187 21.53 20.97 3.76
N GLY A 188 20.65 19.99 3.56
CA GLY A 188 20.44 19.03 4.61
C GLY A 188 21.48 17.94 4.49
N MET A 189 21.97 17.70 3.26
CA MET A 189 22.87 16.59 3.04
C MET A 189 24.32 16.90 3.39
N ILE A 190 24.73 18.18 3.30
CA ILE A 190 26.07 18.55 3.78
C ILE A 190 26.15 18.41 5.29
N VAL A 191 25.09 18.80 5.99
CA VAL A 191 25.03 18.69 7.44
C VAL A 191 24.97 17.22 7.86
N THR A 192 24.07 16.45 7.24
CA THR A 192 23.93 15.02 7.54
C THR A 192 25.23 14.25 7.30
N TYR A 193 25.96 14.61 6.23
CA TYR A 193 27.22 13.93 5.95
C TYR A 193 28.31 14.33 6.93
N ASN A 194 28.35 15.63 7.31
CA ASN A 194 29.37 16.10 8.23
C ASN A 194 29.23 15.46 9.61
N ASP A 195 28.01 15.39 10.13
CA ASP A 195 27.75 14.76 11.42
C ASP A 195 26.45 13.98 11.34
N VAL A 196 26.46 12.74 11.82
CA VAL A 196 25.29 11.88 11.68
C VAL A 196 24.17 12.29 12.63
N SER A 197 24.51 12.83 13.80
CA SER A 197 23.51 13.24 14.79
C SER A 197 23.40 14.76 14.75
N ALA A 198 22.58 15.26 13.85
CA ALA A 198 22.41 16.70 13.67
C ALA A 198 20.96 17.01 13.31
N THR A 199 20.53 18.21 13.69
CA THR A 199 19.16 18.64 13.43
C THR A 199 19.00 19.03 11.97
N GLN A 200 17.99 18.47 11.31
CA GLN A 200 17.70 18.82 9.93
C GLN A 200 17.16 20.24 9.85
N ASP A 201 17.54 20.94 8.78
CA ASP A 201 17.17 22.34 8.61
C ASP A 201 15.83 22.46 7.89
N LYS A 202 14.99 23.36 8.38
CA LYS A 202 13.69 23.65 7.77
C LYS A 202 13.58 25.15 7.54
N TYR A 203 12.76 25.54 6.56
CA TYR A 203 12.65 26.97 6.23
C TYR A 203 11.16 27.35 6.20
N PHE A 204 10.48 27.25 7.34
CA PHE A 204 9.02 27.49 7.39
C PHE A 204 8.40 26.60 6.32
N ASN A 205 8.96 25.40 6.12
CA ASN A 205 8.52 24.51 5.02
C ASN A 205 8.20 25.39 3.80
N ALA A 206 9.18 26.16 3.32
CA ALA A 206 8.92 27.09 2.21
C ALA A 206 9.11 26.36 0.89
N SER A 207 8.72 25.11 0.83
CA SER A 207 8.70 24.29 -0.38
C SER A 207 7.32 23.66 -0.56
N THR A 208 6.71 23.20 0.52
CA THR A 208 5.36 22.66 0.43
C THR A 208 4.34 23.77 0.24
N ILE A 209 4.69 25.00 0.66
CA ILE A 209 3.81 26.15 0.40
C ILE A 209 3.88 26.52 -1.09
N LEU A 210 5.03 26.30 -1.73
CA LEU A 210 5.16 26.62 -3.14
C LEU A 210 4.47 25.56 -4.01
N LEU A 211 4.65 24.28 -3.67
CA LEU A 211 3.92 23.20 -4.33
C LEU A 211 2.41 23.40 -4.23
N ALA A 212 1.93 23.75 -3.03
CA ALA A 212 0.53 24.07 -2.80
C ALA A 212 0.07 25.23 -3.68
N SER A 213 0.86 26.31 -3.72
CA SER A 213 0.57 27.47 -4.55
C SER A 213 0.41 27.10 -6.02
N SER A 214 1.34 26.30 -6.54
CA SER A 214 1.27 25.86 -7.94
C SER A 214 0.00 25.06 -8.24
N ILE A 215 -0.32 24.09 -7.37
CA ILE A 215 -1.52 23.27 -7.58
C ILE A 215 -2.79 24.13 -7.44
N ASN A 216 -2.79 25.09 -6.51
CA ASN A 216 -3.90 26.05 -6.38
C ASN A 216 -4.07 26.87 -7.64
N PHE A 217 -2.96 27.31 -8.24
CA PHE A 217 -3.00 28.04 -9.50
C PHE A 217 -3.60 27.20 -10.61
N MET A 218 -3.24 25.91 -10.66
CA MET A 218 -3.81 25.01 -11.66
C MET A 218 -5.32 24.85 -11.49
N SER A 219 -5.77 24.64 -10.25
CA SER A 219 -7.19 24.61 -9.91
C SER A 219 -7.92 25.87 -10.39
N PHE A 220 -7.32 27.04 -10.10
CA PHE A 220 -7.88 28.32 -10.51
C PHE A 220 -8.06 28.41 -12.03
N VAL A 221 -6.98 28.11 -12.79
CA VAL A 221 -7.01 28.16 -14.25
C VAL A 221 -8.12 27.25 -14.81
N LEU A 222 -8.23 26.03 -14.29
CA LEU A 222 -9.23 25.10 -14.84
C LEU A 222 -10.67 25.53 -14.50
N VAL A 223 -10.91 26.04 -13.28
CA VAL A 223 -12.23 26.58 -12.94
C VAL A 223 -12.59 27.78 -13.83
N VAL A 224 -11.62 28.68 -14.04
CA VAL A 224 -11.81 29.82 -14.95
C VAL A 224 -12.14 29.35 -16.37
N LYS A 225 -11.45 28.30 -16.84
CA LYS A 225 -11.70 27.78 -18.18
C LYS A 225 -13.11 27.20 -18.29
N LEU A 226 -13.61 26.55 -17.24
CA LEU A 226 -14.98 26.03 -17.27
C LEU A 226 -16.01 27.16 -17.28
N ILE A 227 -15.82 28.18 -16.43
CA ILE A 227 -16.70 29.35 -16.40
C ILE A 227 -16.72 30.06 -17.75
N LEU A 228 -15.55 30.21 -18.38
CA LEU A 228 -15.47 30.79 -19.72
C LEU A 228 -16.18 29.90 -20.74
N ALA A 229 -16.07 28.58 -20.58
CA ALA A 229 -16.64 27.64 -21.55
C ALA A 229 -18.16 27.72 -21.56
N ILE A 230 -18.77 27.91 -20.38
CA ILE A 230 -20.23 28.00 -20.31
C ILE A 230 -20.72 29.23 -21.07
N ARG A 231 -20.08 30.38 -20.83
CA ARG A 231 -20.45 31.61 -21.53
C ARG A 231 -20.17 31.50 -23.02
N SER A 232 -19.17 30.69 -23.40
CA SER A 232 -18.90 30.52 -24.83
C SER A 232 -19.98 29.67 -25.48
N ARG A 233 -20.46 28.65 -24.76
CA ARG A 233 -21.44 27.73 -25.31
C ARG A 233 -22.87 28.19 -25.06
N ARG A 234 -23.08 29.46 -24.72
CA ARG A 234 -24.49 29.94 -24.59
C ARG A 234 -24.79 30.95 -25.69
N PHE A 235 -23.86 31.86 -25.94
CA PHE A 235 -24.08 32.93 -26.96
C PHE A 235 -24.26 32.23 -28.29
N LEU A 236 -23.46 31.19 -28.56
CA LEU A 236 -23.64 30.40 -29.80
C LEU A 236 -24.78 29.39 -29.58
N GLY A 237 -25.48 29.01 -30.63
CA GLY A 237 -26.62 28.11 -30.52
C GLY A 237 -26.22 26.66 -30.33
N LEU A 238 -25.68 26.35 -29.15
CA LEU A 238 -25.23 25.01 -28.82
C LEU A 238 -25.80 24.58 -27.48
N LYS A 239 -25.81 23.25 -27.26
CA LYS A 239 -26.34 22.69 -26.03
C LYS A 239 -25.40 22.95 -24.86
N GLN A 240 -25.89 22.65 -23.65
CA GLN A 240 -25.17 22.89 -22.41
C GLN A 240 -25.24 21.68 -21.49
N PHE A 241 -24.27 21.61 -20.58
CA PHE A 241 -24.07 20.44 -19.73
C PHE A 241 -25.14 20.36 -18.64
N ASP A 242 -25.64 19.14 -18.40
CA ASP A 242 -26.65 18.90 -17.39
C ASP A 242 -26.11 18.23 -16.13
N SER A 243 -25.38 17.12 -16.28
CA SER A 243 -24.77 16.42 -15.14
C SER A 243 -23.28 16.24 -15.35
N PHE A 244 -22.69 17.04 -16.25
CA PHE A 244 -21.28 16.99 -16.57
C PHE A 244 -20.47 17.93 -15.69
N HIS A 245 -21.14 18.94 -15.11
CA HIS A 245 -20.50 19.89 -14.22
C HIS A 245 -19.96 19.21 -12.97
N ILE A 246 -20.75 18.29 -12.40
CA ILE A 246 -20.33 17.58 -11.19
C ILE A 246 -19.14 16.69 -11.49
N LEU A 247 -19.02 16.17 -12.72
CA LEU A 247 -17.82 15.43 -13.10
C LEU A 247 -16.61 16.35 -13.16
N LEU A 248 -16.77 17.51 -13.81
CA LEU A 248 -15.62 18.42 -14.02
C LEU A 248 -15.31 19.27 -12.81
N ILE A 249 -16.04 19.08 -11.71
CA ILE A 249 -15.73 19.76 -10.46
C ILE A 249 -15.29 18.74 -9.41
N MET A 250 -16.14 17.75 -9.10
CA MET A 250 -15.88 16.86 -8.00
C MET A 250 -15.10 15.60 -8.38
N SER A 251 -14.82 15.34 -9.66
CA SER A 251 -14.17 14.10 -10.05
C SER A 251 -12.68 14.29 -10.34
N CYS A 252 -12.07 15.31 -9.74
CA CYS A 252 -10.63 15.61 -9.83
C CYS A 252 -10.18 15.85 -11.26
N GLN A 253 -11.05 16.39 -12.11
CA GLN A 253 -10.66 16.92 -13.39
C GLN A 253 -10.31 18.40 -13.32
N SER A 254 -10.35 18.98 -12.12
CA SER A 254 -9.94 20.36 -11.90
C SER A 254 -8.95 20.48 -10.75
N LEU A 255 -8.48 19.34 -10.22
CA LEU A 255 -7.53 19.26 -9.09
C LEU A 255 -8.06 20.00 -7.86
N LEU A 256 -9.31 19.74 -7.50
CA LEU A 256 -9.95 20.48 -6.42
C LEU A 256 -9.60 19.88 -5.06
N VAL A 257 -9.84 18.57 -4.89
CA VAL A 257 -9.51 17.89 -3.62
C VAL A 257 -8.01 17.93 -3.30
N PRO A 258 -7.08 17.61 -4.23
CA PRO A 258 -5.64 17.83 -3.92
C PRO A 258 -5.26 19.27 -3.59
N SER A 259 -6.11 20.26 -3.88
CA SER A 259 -5.81 21.66 -3.59
C SER A 259 -6.53 22.14 -2.34
N ILE A 260 -7.50 21.38 -1.85
CA ILE A 260 -8.07 21.63 -0.54
C ILE A 260 -7.21 20.97 0.55
N ILE A 261 -6.73 19.76 0.28
CA ILE A 261 -5.90 19.04 1.25
C ILE A 261 -4.60 19.80 1.57
N PHE A 262 -3.91 20.37 0.57
CA PHE A 262 -2.70 21.15 0.88
C PHE A 262 -2.99 22.43 1.66
N ILE A 263 -4.13 23.07 1.46
CA ILE A 263 -4.40 24.30 2.22
C ILE A 263 -5.04 24.00 3.57
N LEU A 264 -5.49 22.77 3.80
CA LEU A 264 -5.71 22.31 5.17
C LEU A 264 -4.44 21.74 5.79
N ALA A 265 -3.40 21.52 4.99
CA ALA A 265 -2.14 20.95 5.48
C ALA A 265 -1.16 22.02 5.97
N TYR A 266 -0.96 23.08 5.18
CA TYR A 266 0.01 24.09 5.60
C TYR A 266 -0.60 25.17 6.49
N SER A 267 -1.90 25.07 6.79
CA SER A 267 -2.57 26.00 7.70
C SER A 267 -2.65 25.48 9.13
N LEU A 268 -2.96 24.20 9.30
CA LEU A 268 -3.11 23.62 10.63
C LEU A 268 -1.75 23.42 11.29
N LYS A 269 -1.78 23.23 12.60
CA LYS A 269 -0.56 23.05 13.38
C LYS A 269 0.00 21.65 13.16
N PRO A 270 1.27 21.44 13.50
CA PRO A 270 1.86 20.08 13.43
C PRO A 270 1.17 19.02 14.28
N ASN A 271 0.36 19.40 15.28
CA ASN A 271 -0.30 18.42 16.14
C ASN A 271 -1.38 17.65 15.39
N GLN A 272 -2.15 18.34 14.54
CA GLN A 272 -3.32 17.75 13.91
C GLN A 272 -3.00 17.01 12.60
N GLY A 273 -1.77 16.56 12.42
CA GLY A 273 -1.45 15.72 11.28
C GLY A 273 -0.92 16.47 10.07
N THR A 274 0.04 17.37 10.28
CA THR A 274 0.63 18.12 9.17
C THR A 274 1.48 17.22 8.29
N ASP A 275 2.25 16.31 8.89
CA ASP A 275 3.11 15.42 8.12
C ASP A 275 2.37 14.24 7.51
N VAL A 276 1.11 14.03 7.89
CA VAL A 276 0.31 12.98 7.26
C VAL A 276 -0.51 13.53 6.09
N LEU A 277 -0.96 14.78 6.18
CA LEU A 277 -1.81 15.37 5.15
C LEU A 277 -1.06 15.84 3.93
N THR A 278 0.27 15.81 3.92
CA THR A 278 1.04 16.18 2.74
C THR A 278 1.42 15.01 1.86
N THR A 279 1.68 13.83 2.45
CA THR A 279 1.98 12.64 1.66
C THR A 279 0.75 12.16 0.91
N VAL A 280 -0.42 12.30 1.53
CA VAL A 280 -1.68 11.93 0.88
C VAL A 280 -1.98 12.91 -0.24
N ALA A 281 -1.63 14.19 -0.03
CA ALA A 281 -1.92 15.21 -1.02
C ALA A 281 -1.01 15.07 -2.24
N THR A 282 0.26 14.68 -2.02
CA THR A 282 1.15 14.42 -3.14
C THR A 282 0.71 13.20 -3.94
N LEU A 283 0.28 12.13 -3.23
CA LEU A 283 -0.27 10.95 -3.90
C LEU A 283 -1.51 11.30 -4.71
N LEU A 284 -2.40 12.11 -4.15
CA LEU A 284 -3.63 12.48 -4.82
C LEU A 284 -3.37 13.35 -6.05
N ALA A 285 -2.46 14.33 -5.94
CA ALA A 285 -2.09 15.16 -7.08
C ALA A 285 -1.49 14.32 -8.22
N VAL A 286 -0.61 13.38 -7.88
CA VAL A 286 0.04 12.55 -8.91
C VAL A 286 -0.97 11.61 -9.55
N LEU A 287 -1.97 11.14 -8.78
CA LEU A 287 -2.96 10.26 -9.36
C LEU A 287 -4.03 11.02 -10.14
N SER A 288 -4.27 12.28 -9.78
CA SER A 288 -5.29 13.10 -10.43
C SER A 288 -4.78 13.84 -11.66
N LEU A 289 -3.48 13.88 -11.91
CA LEU A 289 -2.98 14.54 -13.11
C LEU A 289 -3.41 13.90 -14.46
N PRO A 290 -3.56 12.56 -14.62
CA PRO A 290 -4.19 12.04 -15.85
C PRO A 290 -5.62 12.51 -16.09
N LEU A 291 -6.36 12.91 -15.05
CA LEU A 291 -7.72 13.37 -15.25
C LEU A 291 -7.72 14.82 -15.72
N SER A 292 -6.95 15.67 -15.05
CA SER A 292 -6.81 17.07 -15.45
C SER A 292 -6.23 17.21 -16.85
N SER A 293 -5.38 16.26 -17.28
CA SER A 293 -4.83 16.32 -18.63
C SER A 293 -5.88 16.09 -19.71
N MET A 294 -6.98 15.38 -19.43
CA MET A 294 -8.01 15.19 -20.44
C MET A 294 -8.94 16.39 -20.60
N TRP A 295 -9.17 17.17 -19.54
CA TRP A 295 -10.00 18.36 -19.67
C TRP A 295 -9.25 19.52 -20.32
N ALA A 296 -8.00 19.75 -19.88
CA ALA A 296 -7.19 20.87 -20.39
C ALA A 296 -6.99 20.80 -21.89
N THR A 297 -6.60 19.63 -22.41
CA THR A 297 -6.37 19.47 -23.84
C THR A 297 -7.67 19.44 -24.66
N ALA A 298 -8.81 19.23 -24.02
CA ALA A 298 -10.07 19.07 -24.73
C ALA A 298 -10.51 20.38 -25.38
N ALA A 299 -11.28 20.24 -26.46
CA ALA A 299 -11.81 21.40 -27.17
C ALA A 299 -12.90 22.08 -26.35
N ASN A 300 -12.91 23.41 -26.38
CA ASN A 300 -13.78 24.19 -25.50
C ASN A 300 -15.24 24.08 -25.90
N ASN A 301 -15.55 24.20 -27.20
CA ASN A 301 -16.94 24.28 -27.66
C ASN A 301 -17.16 23.40 -28.88
N ALA A 302 -16.69 22.16 -28.81
CA ALA A 302 -16.90 21.20 -29.89
C ALA A 302 -18.05 20.26 -29.54
N SER A 303 -18.54 19.55 -30.56
CA SER A 303 -19.63 18.59 -30.38
C SER A 303 -19.15 17.35 -29.66
N ALA B 5 22.88 17.91 28.07
CA ALA B 5 24.16 17.21 28.03
C ALA B 5 24.99 17.52 29.27
N PRO B 6 24.73 16.78 30.37
CA PRO B 6 25.50 17.00 31.62
C PRO B 6 26.98 16.61 31.48
N SER B 7 27.23 15.37 31.06
CA SER B 7 28.59 14.87 30.93
C SER B 7 28.59 13.68 29.98
N LEU B 8 29.47 13.72 28.99
CA LEU B 8 29.60 12.62 28.05
C LEU B 8 30.49 11.52 28.64
N SER B 9 30.05 10.27 28.47
CA SER B 9 30.74 9.14 29.06
C SER B 9 31.93 8.72 28.20
N ASN B 10 32.68 7.73 28.68
CA ASN B 10 33.82 7.19 27.95
C ASN B 10 33.38 6.39 26.73
N LEU B 11 32.14 5.86 26.75
CA LEU B 11 31.62 5.04 25.67
C LEU B 11 31.43 5.82 24.38
N PHE B 12 31.40 7.16 24.44
CA PHE B 12 31.32 8.00 23.26
C PHE B 12 32.63 8.04 22.49
N TYR B 13 33.72 7.48 23.04
CA TYR B 13 35.02 7.52 22.38
C TYR B 13 35.61 6.12 22.19
N ASP B 14 34.78 5.08 22.26
CA ASP B 14 35.23 3.72 22.02
C ASP B 14 34.81 3.31 20.62
N PRO B 15 35.75 3.13 19.68
CA PRO B 15 35.36 2.70 18.33
C PRO B 15 34.83 1.27 18.27
N THR B 16 35.22 0.41 19.20
CA THR B 16 34.81 -0.98 19.20
C THR B 16 33.57 -1.24 20.03
N TYR B 17 32.97 -0.20 20.61
CA TYR B 17 31.75 -0.40 21.39
C TYR B 17 30.57 -0.64 20.46
N ASN B 18 29.76 -1.64 20.80
CA ASN B 18 28.61 -2.04 19.97
C ASN B 18 27.32 -1.82 20.74
N PRO B 19 26.60 -0.73 20.48
CA PRO B 19 25.22 -0.63 21.00
C PRO B 19 24.32 -1.64 20.31
N GLY B 20 23.28 -2.07 21.02
CA GLY B 20 22.44 -3.16 20.61
C GLY B 20 22.71 -4.44 21.36
N GLN B 21 23.93 -4.60 21.88
CA GLN B 21 24.24 -5.66 22.82
C GLN B 21 24.13 -5.21 24.26
N SER B 22 23.65 -3.99 24.49
CA SER B 22 23.37 -3.50 25.83
C SER B 22 22.11 -4.17 26.35
N THR B 23 21.75 -3.86 27.60
CA THR B 23 20.65 -4.56 28.25
C THR B 23 19.62 -3.57 28.79
N ILE B 24 18.36 -3.85 28.47
CA ILE B 24 17.22 -3.12 29.01
C ILE B 24 16.79 -3.83 30.28
N ASN B 25 16.54 -3.04 31.32
CA ASN B 25 16.04 -3.52 32.61
C ASN B 25 14.56 -3.15 32.70
N TYR B 26 13.70 -4.11 33.01
CA TYR B 26 12.27 -3.80 33.01
C TYR B 26 11.57 -4.61 34.08
N THR B 27 10.28 -4.33 34.26
CA THR B 27 9.42 -5.00 35.24
C THR B 27 8.39 -5.83 34.48
N SER B 28 8.16 -7.06 34.94
CA SER B 28 7.21 -7.94 34.26
C SER B 28 6.27 -8.59 35.26
N ILE B 29 5.48 -9.58 34.80
CA ILE B 29 4.60 -10.32 35.68
C ILE B 29 5.37 -11.24 36.61
N TYR B 30 6.61 -11.60 36.28
CA TYR B 30 7.46 -12.44 37.12
C TYR B 30 8.30 -11.62 38.09
N GLY B 31 7.86 -10.43 38.45
CA GLY B 31 8.58 -9.56 39.36
C GLY B 31 9.53 -8.61 38.64
N ASN B 32 9.94 -7.57 39.36
CA ASN B 32 10.88 -6.61 38.83
C ASN B 32 12.27 -7.23 38.70
N GLY B 33 12.99 -6.83 37.67
CA GLY B 33 14.30 -7.37 37.39
C GLY B 33 14.47 -8.16 36.11
N SER B 34 13.57 -8.03 35.15
CA SER B 34 13.72 -8.74 33.89
C SER B 34 14.60 -7.94 32.95
N THR B 35 15.24 -8.63 32.01
CA THR B 35 16.27 -8.02 31.17
C THR B 35 16.11 -8.54 29.75
N ILE B 36 16.49 -7.69 28.80
CA ILE B 36 16.41 -8.05 27.38
C ILE B 36 17.52 -7.27 26.67
N THR B 37 17.87 -7.69 25.47
CA THR B 37 18.81 -6.93 24.65
C THR B 37 18.04 -6.07 23.66
N PHE B 38 18.72 -5.04 23.15
CA PHE B 38 18.12 -4.12 22.18
C PHE B 38 17.81 -4.79 20.84
N ASP B 39 18.48 -5.90 20.52
CA ASP B 39 18.26 -6.53 19.23
C ASP B 39 16.98 -7.34 19.21
N GLU B 40 16.55 -7.86 20.37
CA GLU B 40 15.26 -8.54 20.43
C GLU B 40 14.11 -7.54 20.39
N LEU B 41 14.29 -6.37 21.00
CA LEU B 41 13.30 -5.30 20.88
C LEU B 41 13.19 -4.82 19.43
N GLN B 42 14.32 -4.64 18.74
CA GLN B 42 14.27 -4.23 17.35
C GLN B 42 13.70 -5.33 16.45
N GLY B 43 13.91 -6.59 16.81
CA GLY B 43 13.28 -7.68 16.09
C GLY B 43 11.78 -7.74 16.28
N LEU B 44 11.30 -7.35 17.47
CA LEU B 44 9.86 -7.23 17.67
C LEU B 44 9.28 -6.08 16.88
N VAL B 45 10.00 -4.95 16.79
CA VAL B 45 9.47 -3.79 16.08
C VAL B 45 9.48 -4.01 14.56
N ASN B 46 10.49 -4.72 14.04
CA ASN B 46 10.65 -4.87 12.61
C ASN B 46 9.61 -5.78 11.99
N SER B 47 9.00 -6.68 12.77
CA SER B 47 7.96 -7.53 12.20
C SER B 47 6.64 -6.80 12.02
N THR B 48 6.33 -5.86 12.92
CA THR B 48 5.18 -4.99 12.72
C THR B 48 5.40 -4.03 11.57
N VAL B 49 6.63 -3.49 11.46
CA VAL B 49 6.94 -2.60 10.34
C VAL B 49 6.92 -3.36 9.02
N THR B 50 7.25 -4.65 9.04
CA THR B 50 7.22 -5.46 7.81
C THR B 50 5.82 -5.91 7.45
N GLN B 51 4.92 -6.11 8.43
CA GLN B 51 3.57 -6.53 8.08
C GLN B 51 2.58 -5.39 7.93
N ALA B 52 3.01 -4.14 8.14
CA ALA B 52 2.12 -3.03 7.78
C ALA B 52 2.23 -2.66 6.30
N ILE B 53 3.43 -2.83 5.72
CA ILE B 53 3.66 -2.51 4.30
C ILE B 53 2.81 -3.38 3.38
N MET B 54 2.73 -4.68 3.68
CA MET B 54 1.98 -5.61 2.82
C MET B 54 0.49 -5.29 2.81
N PHE B 55 -0.08 -5.00 3.99
CA PHE B 55 -1.50 -4.69 4.04
C PHE B 55 -1.81 -3.32 3.46
N GLY B 56 -0.85 -2.39 3.49
CA GLY B 56 -1.04 -1.14 2.79
C GLY B 56 -1.03 -1.31 1.28
N VAL B 57 -0.14 -2.17 0.78
CA VAL B 57 -0.10 -2.51 -0.64
C VAL B 57 -1.41 -3.19 -1.06
N ARG B 58 -1.93 -4.07 -0.20
CA ARG B 58 -3.20 -4.77 -0.48
C ARG B 58 -4.36 -3.78 -0.59
N CYS B 59 -4.48 -2.87 0.39
CA CYS B 59 -5.54 -1.88 0.39
C CYS B 59 -5.48 -0.97 -0.84
N GLY B 60 -4.27 -0.52 -1.19
CA GLY B 60 -4.11 0.37 -2.33
C GLY B 60 -4.46 -0.31 -3.65
N ALA B 61 -3.86 -1.49 -3.90
CA ALA B 61 -4.11 -2.26 -5.11
C ALA B 61 -5.58 -2.60 -5.30
N ALA B 62 -6.23 -3.17 -4.26
CA ALA B 62 -7.63 -3.54 -4.39
C ALA B 62 -8.55 -2.33 -4.56
N ALA B 63 -8.24 -1.24 -3.85
CA ALA B 63 -9.06 -0.03 -3.95
C ALA B 63 -8.99 0.58 -5.32
N LEU B 64 -7.82 0.57 -5.95
CA LEU B 64 -7.74 1.15 -7.28
C LEU B 64 -8.09 0.14 -8.38
N THR B 65 -8.18 -1.16 -8.06
CA THR B 65 -8.60 -2.13 -9.08
C THR B 65 -10.12 -2.28 -9.14
N LEU B 66 -10.82 -1.83 -8.09
CA LEU B 66 -12.28 -1.91 -8.10
C LEU B 66 -12.87 -0.90 -9.07
N ILE B 67 -12.40 0.35 -8.99
CA ILE B 67 -12.87 1.43 -9.85
C ILE B 67 -12.58 1.10 -11.31
N VAL B 68 -11.36 0.61 -11.58
CA VAL B 68 -10.92 0.28 -12.95
C VAL B 68 -11.81 -0.81 -13.54
N MET B 69 -12.13 -1.85 -12.73
CA MET B 69 -12.98 -2.93 -13.23
C MET B 69 -14.39 -2.43 -13.52
N TRP B 70 -14.91 -1.49 -12.71
CA TRP B 70 -16.21 -0.89 -13.04
C TRP B 70 -16.16 -0.10 -14.34
N MET B 71 -15.17 0.78 -14.49
CA MET B 71 -15.11 1.65 -15.68
C MET B 71 -14.65 0.96 -16.94
N THR B 72 -14.19 -0.29 -16.88
CA THR B 72 -13.61 -0.87 -18.08
C THR B 72 -14.41 -2.06 -18.62
N SER B 73 -15.05 -2.85 -17.76
CA SER B 73 -15.90 -3.93 -18.23
C SER B 73 -17.21 -3.37 -18.79
N ARG B 74 -17.68 -3.96 -19.88
CA ARG B 74 -18.89 -3.51 -20.56
C ARG B 74 -20.15 -4.21 -20.09
N SER B 75 -20.08 -5.53 -19.85
CA SER B 75 -21.21 -6.30 -19.37
C SER B 75 -21.04 -6.52 -17.87
N ARG B 76 -21.97 -5.98 -17.09
CA ARG B 76 -21.84 -5.92 -15.63
C ARG B 76 -23.03 -6.58 -14.94
N LYS B 77 -23.57 -7.64 -15.54
CA LYS B 77 -24.65 -8.39 -14.93
C LYS B 77 -24.34 -9.87 -14.76
N THR B 78 -23.16 -10.31 -15.19
CA THR B 78 -22.76 -11.69 -15.00
C THR B 78 -22.46 -11.96 -13.51
N PRO B 79 -22.69 -13.19 -13.03
CA PRO B 79 -22.34 -13.52 -11.65
C PRO B 79 -20.84 -13.41 -11.34
N ILE B 80 -19.99 -13.75 -12.32
CA ILE B 80 -18.55 -13.76 -12.12
C ILE B 80 -18.03 -12.36 -11.85
N PHE B 81 -18.62 -11.36 -12.51
CA PHE B 81 -18.27 -9.96 -12.27
C PHE B 81 -18.61 -9.55 -10.84
N ILE B 82 -19.80 -9.93 -10.37
CA ILE B 82 -20.25 -9.56 -9.02
C ILE B 82 -19.38 -10.20 -7.95
N ILE B 83 -19.02 -11.48 -8.14
CA ILE B 83 -18.19 -12.17 -7.14
C ILE B 83 -16.77 -11.61 -7.14
N ASN B 84 -16.19 -11.39 -8.33
CA ASN B 84 -14.88 -10.75 -8.43
C ASN B 84 -14.90 -9.34 -7.87
N GLN B 85 -16.05 -8.68 -7.88
CA GLN B 85 -16.16 -7.30 -7.42
C GLN B 85 -16.40 -7.22 -5.92
N VAL B 86 -16.92 -8.27 -5.30
CA VAL B 86 -17.05 -8.28 -3.84
C VAL B 86 -15.82 -8.86 -3.13
N SER B 87 -15.00 -9.65 -3.84
CA SER B 87 -13.77 -10.14 -3.23
C SER B 87 -12.78 -9.02 -2.93
N LEU B 88 -12.65 -8.05 -3.84
CA LEU B 88 -11.78 -6.91 -3.58
C LEU B 88 -12.34 -6.01 -2.48
N PHE B 89 -13.65 -5.99 -2.28
CA PHE B 89 -14.23 -5.19 -1.21
C PHE B 89 -13.98 -5.86 0.14
N LEU B 90 -13.98 -7.19 0.16
CA LEU B 90 -13.62 -7.86 1.41
C LEU B 90 -12.13 -7.74 1.70
N ILE B 91 -11.30 -7.61 0.65
CA ILE B 91 -9.88 -7.30 0.83
C ILE B 91 -9.71 -5.94 1.49
N ILE B 92 -10.46 -4.93 1.02
CA ILE B 92 -10.32 -3.58 1.56
C ILE B 92 -10.83 -3.51 3.00
N LEU B 93 -11.93 -4.21 3.29
CA LEU B 93 -12.46 -4.22 4.66
C LEU B 93 -11.51 -4.95 5.62
N HIS B 94 -10.90 -6.05 5.15
CA HIS B 94 -9.91 -6.77 5.94
C HIS B 94 -8.69 -5.90 6.23
N SER B 95 -8.23 -5.14 5.23
CA SER B 95 -7.08 -4.26 5.42
C SER B 95 -7.40 -3.12 6.38
N ALA B 96 -8.63 -2.58 6.31
CA ALA B 96 -9.04 -1.51 7.23
C ALA B 96 -9.06 -1.99 8.68
N LEU B 97 -9.66 -3.17 8.91
CA LEU B 97 -9.70 -3.71 10.27
C LEU B 97 -8.30 -4.10 10.75
N TYR B 98 -7.41 -4.52 9.85
CA TYR B 98 -6.04 -4.82 10.26
C TYR B 98 -5.27 -3.55 10.62
N PHE B 99 -5.51 -2.44 9.91
CA PHE B 99 -4.90 -1.16 10.28
C PHE B 99 -5.38 -0.70 11.65
N LYS B 100 -6.68 -0.84 11.92
CA LYS B 100 -7.18 -0.56 13.26
C LYS B 100 -6.53 -1.46 14.31
N TYR B 101 -6.36 -2.75 14.00
CA TYR B 101 -5.78 -3.70 14.96
C TYR B 101 -4.32 -3.41 15.27
N LEU B 102 -3.52 -3.02 14.26
CA LEU B 102 -2.08 -2.89 14.46
C LEU B 102 -1.67 -1.75 15.38
N LEU B 103 -2.50 -0.72 15.54
CA LEU B 103 -2.17 0.43 16.37
C LEU B 103 -2.84 0.40 17.73
N SER B 104 -3.41 -0.74 18.14
CA SER B 104 -4.10 -0.86 19.41
C SER B 104 -3.11 -1.32 20.48
N ASN B 105 -3.62 -1.86 21.58
CA ASN B 105 -2.78 -2.25 22.74
C ASN B 105 -2.48 -3.73 22.71
N TYR B 106 -2.96 -4.48 21.72
CA TYR B 106 -2.77 -5.94 21.68
C TYR B 106 -1.55 -6.26 20.84
N SER B 107 -1.13 -5.35 19.96
CA SER B 107 0.11 -5.54 19.17
C SER B 107 1.10 -4.47 19.57
N SER B 108 1.35 -4.29 20.87
CA SER B 108 2.34 -3.30 21.26
C SER B 108 3.54 -3.97 21.93
N VAL B 109 4.63 -3.21 22.04
CA VAL B 109 5.81 -3.71 22.74
C VAL B 109 5.56 -3.82 24.23
N THR B 110 4.69 -2.97 24.79
CA THR B 110 4.36 -3.00 26.21
C THR B 110 3.76 -4.34 26.62
N TYR B 111 2.75 -4.79 25.88
CA TYR B 111 2.15 -6.10 26.15
C TYR B 111 3.14 -7.23 25.91
N ALA B 112 3.93 -7.15 24.84
CA ALA B 112 4.91 -8.18 24.51
C ALA B 112 5.93 -8.39 25.61
N LEU B 113 6.61 -7.31 26.02
CA LEU B 113 7.62 -7.43 27.07
C LEU B 113 6.98 -7.69 28.43
N THR B 114 5.94 -6.94 28.77
CA THR B 114 5.25 -7.06 30.05
C THR B 114 3.88 -7.68 29.78
N GLY B 115 3.73 -8.96 30.11
CA GLY B 115 2.50 -9.67 29.82
C GLY B 115 1.38 -9.45 30.80
N PHE B 116 1.04 -8.20 31.07
CA PHE B 116 -0.02 -7.88 32.01
C PHE B 116 -1.38 -7.94 31.33
N PRO B 117 -2.33 -8.72 31.85
CA PRO B 117 -3.67 -8.76 31.24
C PRO B 117 -4.52 -7.52 31.56
N GLN B 118 -4.04 -6.62 32.41
CA GLN B 118 -4.77 -5.39 32.68
C GLN B 118 -4.70 -4.42 31.51
N PHE B 119 -3.71 -4.57 30.63
CA PHE B 119 -3.52 -3.64 29.52
C PHE B 119 -4.50 -3.88 28.38
N ILE B 120 -5.16 -5.04 28.34
CA ILE B 120 -6.08 -5.39 27.27
C ILE B 120 -7.50 -5.12 27.74
N SER B 121 -8.24 -4.34 26.95
CA SER B 121 -9.61 -3.98 27.27
C SER B 121 -10.58 -4.71 26.34
N ARG B 122 -11.82 -4.81 26.77
CA ARG B 122 -12.88 -5.39 25.95
C ARG B 122 -13.14 -4.51 24.74
N GLY B 123 -12.97 -5.07 23.55
CA GLY B 123 -13.03 -4.31 22.32
C GLY B 123 -11.83 -4.60 21.45
N ASP B 124 -10.66 -4.75 22.07
CA ASP B 124 -9.48 -5.19 21.33
C ASP B 124 -9.62 -6.63 20.87
N VAL B 125 -10.23 -7.48 21.72
CA VAL B 125 -10.52 -8.84 21.31
C VAL B 125 -11.64 -8.89 20.28
N HIS B 126 -12.48 -7.86 20.20
CA HIS B 126 -13.53 -7.84 19.18
C HIS B 126 -12.98 -7.38 17.84
N VAL B 127 -12.02 -6.45 17.85
CA VAL B 127 -11.34 -6.07 16.62
C VAL B 127 -10.40 -7.20 16.16
N TYR B 128 -9.90 -8.00 17.10
CA TYR B 128 -9.13 -9.18 16.72
C TYR B 128 -10.01 -10.37 16.34
N GLY B 129 -11.31 -10.33 16.62
CA GLY B 129 -12.18 -11.42 16.24
C GLY B 129 -13.02 -11.17 15.00
N ALA B 130 -13.23 -9.90 14.66
CA ALA B 130 -13.90 -9.57 13.39
C ALA B 130 -13.01 -9.90 12.20
N THR B 131 -11.69 -9.75 12.35
CA THR B 131 -10.73 -9.98 11.28
C THR B 131 -10.76 -11.43 10.81
N ASN B 132 -10.88 -12.35 11.75
CA ASN B 132 -10.95 -13.78 11.45
C ASN B 132 -12.30 -14.23 10.92
N ILE B 133 -13.28 -13.33 10.79
CA ILE B 133 -14.53 -13.66 10.13
C ILE B 133 -14.54 -13.04 8.73
N ILE B 134 -13.87 -11.89 8.61
CA ILE B 134 -13.64 -11.29 7.28
C ILE B 134 -12.75 -12.20 6.44
N GLN B 135 -11.77 -12.86 7.08
CA GLN B 135 -10.90 -13.78 6.35
C GLN B 135 -11.69 -14.98 5.79
N VAL B 136 -12.61 -15.54 6.60
CA VAL B 136 -13.42 -16.67 6.15
C VAL B 136 -14.38 -16.25 5.03
N LEU B 137 -14.85 -15.00 5.06
CA LEU B 137 -15.77 -14.59 3.99
C LEU B 137 -15.01 -14.30 2.70
N LEU B 138 -13.77 -13.81 2.81
CA LEU B 138 -12.93 -13.64 1.63
C LEU B 138 -12.58 -14.98 0.99
N VAL B 139 -12.30 -16.00 1.82
CA VAL B 139 -11.99 -17.32 1.29
C VAL B 139 -13.21 -17.94 0.62
N ALA B 140 -14.39 -17.77 1.23
CA ALA B 140 -15.64 -18.25 0.62
C ALA B 140 -15.89 -17.59 -0.73
N SER B 141 -15.61 -16.29 -0.85
CA SER B 141 -15.78 -15.60 -2.13
C SER B 141 -14.82 -16.12 -3.19
N ILE B 142 -13.56 -16.38 -2.80
CA ILE B 142 -12.58 -16.93 -3.74
C ILE B 142 -13.01 -18.31 -4.24
N GLU B 143 -13.44 -19.18 -3.31
CA GLU B 143 -13.88 -20.53 -3.69
C GLU B 143 -15.10 -20.52 -4.60
N THR B 144 -16.11 -19.70 -4.28
CA THR B 144 -17.29 -19.63 -5.15
C THR B 144 -16.94 -19.07 -6.53
N SER B 145 -15.99 -18.11 -6.60
CA SER B 145 -15.49 -17.62 -7.89
C SER B 145 -14.87 -18.75 -8.71
N LEU B 146 -14.04 -19.59 -8.07
CA LEU B 146 -13.41 -20.70 -8.77
C LEU B 146 -14.45 -21.72 -9.26
N VAL B 147 -15.47 -21.99 -8.45
CA VAL B 147 -16.51 -22.95 -8.85
C VAL B 147 -17.31 -22.41 -10.03
N PHE B 148 -17.58 -21.10 -10.04
CA PHE B 148 -18.29 -20.50 -11.17
C PHE B 148 -17.42 -20.47 -12.42
N GLN B 149 -16.10 -20.37 -12.26
CA GLN B 149 -15.21 -20.46 -13.41
C GLN B 149 -15.14 -21.87 -13.97
N ILE B 150 -15.28 -22.89 -13.11
CA ILE B 150 -15.29 -24.27 -13.60
C ILE B 150 -16.59 -24.62 -14.31
N LYS B 151 -17.73 -24.07 -13.83
CA LYS B 151 -19.03 -24.36 -14.44
C LYS B 151 -19.14 -23.94 -15.90
N VAL B 152 -18.53 -22.82 -16.27
CA VAL B 152 -18.76 -22.24 -17.59
C VAL B 152 -17.87 -22.85 -18.68
N ILE B 153 -16.80 -23.56 -18.29
CA ILE B 153 -15.84 -24.09 -19.26
C ILE B 153 -16.44 -25.20 -20.10
N PHE B 154 -17.11 -26.15 -19.46
CA PHE B 154 -17.65 -27.34 -20.13
C PHE B 154 -19.15 -27.23 -20.38
N THR B 155 -19.63 -26.05 -20.77
CA THR B 155 -21.03 -25.86 -21.07
C THR B 155 -21.46 -26.62 -22.32
N GLY B 156 -20.54 -26.81 -23.27
CA GLY B 156 -20.86 -27.48 -24.52
C GLY B 156 -21.00 -28.98 -24.35
N ASP B 157 -21.29 -29.64 -25.48
CA ASP B 157 -21.55 -31.07 -25.50
C ASP B 157 -20.36 -31.88 -25.99
N ASN B 158 -19.17 -31.28 -26.04
CA ASN B 158 -17.97 -32.02 -26.43
C ASN B 158 -17.57 -33.02 -25.35
N PHE B 159 -17.55 -32.59 -24.10
CA PHE B 159 -17.22 -33.46 -22.96
C PHE B 159 -18.22 -33.13 -21.84
N LYS B 160 -19.34 -33.86 -21.82
CA LYS B 160 -20.36 -33.68 -20.80
C LYS B 160 -20.25 -34.72 -19.69
N ARG B 161 -19.08 -35.36 -19.56
CA ARG B 161 -18.86 -36.37 -18.53
C ARG B 161 -17.57 -36.14 -17.75
N ILE B 162 -16.74 -35.17 -18.14
CA ILE B 162 -15.52 -34.83 -17.41
C ILE B 162 -15.80 -33.59 -16.59
N GLY B 163 -16.68 -32.72 -17.12
CA GLY B 163 -17.00 -31.47 -16.46
C GLY B 163 -17.68 -31.68 -15.11
N LEU B 164 -18.55 -32.68 -15.02
CA LEU B 164 -19.25 -32.93 -13.77
C LEU B 164 -18.29 -33.51 -12.73
N MET B 165 -17.30 -34.29 -13.18
CA MET B 165 -16.28 -34.80 -12.27
C MET B 165 -15.40 -33.67 -11.77
N LEU B 166 -15.10 -32.69 -12.62
CA LEU B 166 -14.21 -31.62 -12.18
C LEU B 166 -14.98 -30.67 -11.26
N THR B 167 -16.26 -30.45 -11.54
CA THR B 167 -17.08 -29.66 -10.64
C THR B 167 -17.24 -30.36 -9.29
N SER B 168 -17.24 -31.70 -9.28
CA SER B 168 -17.34 -32.43 -8.01
C SER B 168 -16.00 -32.55 -7.28
N ILE B 169 -14.89 -32.20 -7.94
CA ILE B 169 -13.60 -32.16 -7.23
C ILE B 169 -13.23 -30.70 -6.89
N SER B 170 -13.95 -29.72 -7.46
CA SER B 170 -13.74 -28.33 -7.12
C SER B 170 -14.80 -27.76 -6.19
N PHE B 171 -15.88 -28.50 -5.95
CA PHE B 171 -16.92 -28.10 -5.00
C PHE B 171 -16.62 -28.60 -3.59
N THR B 172 -16.30 -29.90 -3.46
CA THR B 172 -15.99 -30.51 -2.18
C THR B 172 -14.77 -29.86 -1.53
N LEU B 173 -13.78 -29.50 -2.33
CA LEU B 173 -12.59 -28.87 -1.79
C LEU B 173 -12.83 -27.44 -1.35
N GLY B 174 -13.86 -26.77 -1.90
CA GLY B 174 -14.18 -25.43 -1.43
C GLY B 174 -15.00 -25.42 -0.17
N ILE B 175 -15.90 -26.40 0.01
CA ILE B 175 -16.55 -26.45 1.32
C ILE B 175 -15.59 -27.02 2.37
N ALA B 176 -14.60 -27.82 1.96
CA ALA B 176 -13.57 -28.27 2.90
C ALA B 176 -12.72 -27.10 3.38
N THR B 177 -12.33 -26.19 2.47
CA THR B 177 -11.53 -25.03 2.85
C THR B 177 -12.32 -24.07 3.74
N VAL B 178 -13.54 -23.70 3.34
CA VAL B 178 -14.36 -22.78 4.13
C VAL B 178 -14.73 -23.38 5.49
N THR B 179 -14.83 -24.71 5.58
CA THR B 179 -15.13 -25.31 6.87
C THR B 179 -13.92 -25.37 7.77
N MET B 180 -12.73 -25.70 7.23
CA MET B 180 -11.53 -25.65 8.05
C MET B 180 -11.17 -24.23 8.49
N TYR B 181 -11.65 -23.22 7.75
CA TYR B 181 -11.38 -21.85 8.18
C TYR B 181 -12.39 -21.40 9.24
N PHE B 182 -13.66 -21.80 9.12
CA PHE B 182 -14.61 -21.45 10.17
C PHE B 182 -14.35 -22.21 11.47
N VAL B 183 -13.88 -23.47 11.38
CA VAL B 183 -13.56 -24.20 12.60
C VAL B 183 -12.28 -23.67 13.24
N SER B 184 -11.30 -23.23 12.44
CA SER B 184 -10.11 -22.65 13.03
C SER B 184 -10.39 -21.28 13.66
N ALA B 185 -11.32 -20.52 13.08
CA ALA B 185 -11.63 -19.21 13.63
C ALA B 185 -12.44 -19.32 14.92
N VAL B 186 -13.47 -20.17 14.93
CA VAL B 186 -14.23 -20.38 16.16
C VAL B 186 -13.39 -21.04 17.26
N LYS B 187 -12.41 -21.87 16.88
CA LYS B 187 -11.62 -22.53 17.91
C LYS B 187 -10.50 -21.64 18.41
N GLY B 188 -10.10 -20.63 17.64
CA GLY B 188 -9.12 -19.71 18.15
C GLY B 188 -9.83 -18.65 18.96
N MET B 189 -11.10 -18.37 18.61
CA MET B 189 -11.80 -17.26 19.25
C MET B 189 -12.41 -17.64 20.59
N ILE B 190 -12.76 -18.92 20.81
CA ILE B 190 -13.20 -19.35 22.15
C ILE B 190 -12.03 -19.27 23.14
N VAL B 191 -10.84 -19.67 22.69
CA VAL B 191 -9.65 -19.61 23.53
C VAL B 191 -9.25 -18.17 23.80
N THR B 192 -9.19 -17.34 22.74
CA THR B 192 -8.82 -15.93 22.89
C THR B 192 -9.79 -15.19 23.81
N TYR B 193 -11.09 -15.51 23.73
CA TYR B 193 -12.07 -14.85 24.59
C TYR B 193 -11.95 -15.33 26.03
N ASN B 194 -11.70 -16.63 26.23
CA ASN B 194 -11.60 -17.18 27.58
C ASN B 194 -10.40 -16.60 28.33
N ASP B 195 -9.25 -16.51 27.68
CA ASP B 195 -8.05 -15.93 28.27
C ASP B 195 -7.31 -15.12 27.23
N VAL B 196 -6.91 -13.90 27.59
CA VAL B 196 -6.30 -13.00 26.62
C VAL B 196 -4.87 -13.43 26.28
N SER B 197 -4.15 -14.03 27.22
CA SER B 197 -2.77 -14.46 27.02
C SER B 197 -2.76 -15.97 26.84
N ALA B 198 -2.99 -16.41 25.61
CA ALA B 198 -3.06 -17.84 25.31
C ALA B 198 -2.47 -18.10 23.93
N THR B 199 -1.94 -19.30 23.74
CA THR B 199 -1.33 -19.68 22.48
C THR B 199 -2.41 -20.01 21.45
N GLN B 200 -2.30 -19.39 20.28
CA GLN B 200 -3.24 -19.67 19.19
C GLN B 200 -3.01 -21.07 18.65
N ASP B 201 -4.09 -21.74 18.27
CA ASP B 201 -4.03 -23.11 17.81
C ASP B 201 -3.79 -23.16 16.30
N LYS B 202 -2.91 -24.07 15.89
CA LYS B 202 -2.62 -24.30 14.47
C LYS B 202 -2.76 -25.78 14.18
N TYR B 203 -3.09 -26.10 12.92
CA TYR B 203 -3.30 -27.52 12.56
C TYR B 203 -2.45 -27.85 11.34
N PHE B 204 -1.13 -27.78 11.49
CA PHE B 204 -0.22 -27.99 10.33
C PHE B 204 -0.68 -27.03 9.25
N ASN B 205 -1.15 -25.84 9.65
CA ASN B 205 -1.75 -24.88 8.68
C ASN B 205 -2.53 -25.69 7.65
N ALA B 206 -3.50 -26.50 8.09
CA ALA B 206 -4.24 -27.37 7.16
C ALA B 206 -5.39 -26.58 6.56
N SER B 207 -5.16 -25.32 6.26
CA SER B 207 -6.09 -24.45 5.55
C SER B 207 -5.40 -23.77 4.37
N THR B 208 -4.15 -23.35 4.56
CA THR B 208 -3.40 -22.77 3.46
C THR B 208 -2.95 -23.86 2.48
N ILE B 209 -2.86 -25.11 2.96
CA ILE B 209 -2.55 -26.21 2.04
C ILE B 209 -3.78 -26.52 1.19
N LEU B 210 -4.98 -26.30 1.72
CA LEU B 210 -6.19 -26.56 0.95
C LEU B 210 -6.45 -25.46 -0.06
N LEU B 211 -6.26 -24.20 0.35
CA LEU B 211 -6.33 -23.06 -0.58
C LEU B 211 -5.33 -23.23 -1.74
N ALA B 212 -4.09 -23.61 -1.41
CA ALA B 212 -3.07 -23.92 -2.41
C ALA B 212 -3.51 -25.02 -3.36
N SER B 213 -4.04 -26.12 -2.80
CA SER B 213 -4.55 -27.24 -3.59
C SER B 213 -5.62 -26.80 -4.59
N SER B 214 -6.58 -26.00 -4.12
CA SER B 214 -7.64 -25.49 -5.00
C SER B 214 -7.09 -24.65 -6.15
N ILE B 215 -6.20 -23.72 -5.84
CA ILE B 215 -5.61 -22.87 -6.88
C ILE B 215 -4.75 -23.69 -7.85
N ASN B 216 -4.03 -24.69 -7.33
CA ASN B 216 -3.28 -25.62 -8.18
C ASN B 216 -4.19 -26.39 -9.12
N PHE B 217 -5.35 -26.83 -8.61
CA PHE B 217 -6.34 -27.51 -9.44
C PHE B 217 -6.85 -26.60 -10.55
N MET B 218 -7.08 -25.32 -10.24
CA MET B 218 -7.51 -24.35 -11.25
C MET B 218 -6.45 -24.16 -12.35
N SER B 219 -5.19 -24.01 -11.94
CA SER B 219 -4.06 -23.95 -12.87
C SER B 219 -4.03 -25.17 -13.79
N PHE B 220 -4.18 -26.36 -13.20
CA PHE B 220 -4.20 -27.62 -13.96
C PHE B 220 -5.30 -27.63 -15.01
N VAL B 221 -6.54 -27.33 -14.60
CA VAL B 221 -7.69 -27.31 -15.52
C VAL B 221 -7.46 -26.35 -16.68
N LEU B 222 -6.94 -25.14 -16.40
CA LEU B 222 -6.76 -24.17 -17.49
C LEU B 222 -5.63 -24.58 -18.45
N VAL B 223 -4.53 -25.13 -17.93
CA VAL B 223 -3.46 -25.65 -18.80
C VAL B 223 -3.97 -26.79 -19.67
N VAL B 224 -4.74 -27.72 -19.08
CA VAL B 224 -5.38 -28.81 -19.83
C VAL B 224 -6.29 -28.27 -20.92
N LYS B 225 -7.07 -27.23 -20.61
CA LYS B 225 -7.97 -26.63 -21.59
C LYS B 225 -7.20 -26.02 -22.76
N LEU B 226 -6.05 -25.41 -22.49
CA LEU B 226 -5.22 -24.84 -23.57
C LEU B 226 -4.63 -25.95 -24.45
N ILE B 227 -4.10 -27.00 -23.83
CA ILE B 227 -3.56 -28.15 -24.57
C ILE B 227 -4.64 -28.80 -25.44
N LEU B 228 -5.85 -28.96 -24.90
CA LEU B 228 -6.97 -29.48 -25.67
C LEU B 228 -7.34 -28.53 -26.81
N ALA B 229 -7.26 -27.21 -26.56
CA ALA B 229 -7.67 -26.22 -27.56
C ALA B 229 -6.76 -26.26 -28.78
N ILE B 230 -5.45 -26.49 -28.55
CA ILE B 230 -4.51 -26.55 -29.68
C ILE B 230 -4.85 -27.72 -30.59
N ARG B 231 -5.06 -28.90 -29.99
CA ARG B 231 -5.42 -30.09 -30.76
C ARG B 231 -6.78 -29.93 -31.43
N SER B 232 -7.66 -29.13 -30.84
CA SER B 232 -8.96 -28.90 -31.46
C SER B 232 -8.81 -27.99 -32.67
N ARG B 233 -7.92 -26.99 -32.59
CA ARG B 233 -7.75 -26.03 -33.65
C ARG B 233 -6.70 -26.46 -34.65
N ARG B 234 -6.37 -27.75 -34.71
CA ARG B 234 -5.43 -28.21 -35.78
C ARG B 234 -6.18 -29.18 -36.70
N PHE B 235 -6.98 -30.08 -36.12
CA PHE B 235 -7.71 -31.09 -36.92
C PHE B 235 -8.63 -30.32 -37.86
N LEU B 236 -9.26 -29.26 -37.35
CA LEU B 236 -10.10 -28.40 -38.22
C LEU B 236 -9.20 -27.40 -38.93
N GLY B 237 -9.56 -26.97 -40.14
CA GLY B 237 -8.77 -26.05 -40.94
C GLY B 237 -8.83 -24.62 -40.43
N LEU B 238 -8.21 -24.37 -39.28
CA LEU B 238 -8.20 -23.06 -38.65
C LEU B 238 -6.77 -22.66 -38.28
N LYS B 239 -6.56 -21.37 -38.02
CA LYS B 239 -5.20 -20.88 -37.70
C LYS B 239 -4.82 -21.25 -36.25
N GLN B 240 -3.58 -21.00 -35.86
CA GLN B 240 -3.11 -21.36 -34.49
C GLN B 240 -2.31 -20.20 -33.93
N PHE B 241 -2.29 -20.04 -32.61
CA PHE B 241 -1.64 -18.89 -31.95
C PHE B 241 -0.12 -18.84 -32.19
N ASP B 242 0.45 -17.64 -32.41
CA ASP B 242 1.88 -17.42 -32.60
C ASP B 242 2.56 -16.82 -31.36
N SER B 243 2.04 -15.73 -30.82
CA SER B 243 2.57 -15.09 -29.63
C SER B 243 1.51 -14.94 -28.55
N PHE B 244 0.43 -15.70 -28.66
CA PHE B 244 -0.69 -15.68 -27.74
C PHE B 244 -0.49 -16.69 -26.61
N HIS B 245 0.36 -17.70 -26.84
CA HIS B 245 0.66 -18.71 -25.83
C HIS B 245 1.34 -18.09 -24.62
N ILE B 246 2.29 -17.18 -24.86
CA ILE B 246 3.00 -16.53 -23.76
C ILE B 246 2.06 -15.66 -22.94
N LEU B 247 1.02 -15.09 -23.57
CA LEU B 247 0.01 -14.37 -22.81
C LEU B 247 -0.79 -15.31 -21.93
N LEU B 248 -1.24 -16.44 -22.50
CA LEU B 248 -2.11 -17.36 -21.76
C LEU B 248 -1.35 -18.27 -20.83
N ILE B 249 -0.04 -18.12 -20.72
CA ILE B 249 0.77 -18.85 -19.76
C ILE B 249 1.35 -17.90 -18.73
N MET B 250 2.13 -16.91 -19.17
CA MET B 250 2.88 -16.06 -18.26
C MET B 250 2.11 -14.81 -17.81
N SER B 251 0.93 -14.51 -18.35
CA SER B 251 0.25 -13.26 -18.00
C SER B 251 -0.88 -13.48 -17.01
N CYS B 252 -0.80 -14.54 -16.20
CA CYS B 252 -1.74 -14.88 -15.13
C CYS B 252 -3.17 -15.06 -15.64
N GLN B 253 -3.31 -15.55 -16.88
CA GLN B 253 -4.60 -16.03 -17.37
C GLN B 253 -4.77 -17.52 -17.11
N SER B 254 -3.80 -18.15 -16.45
CA SER B 254 -3.89 -19.55 -16.06
C SER B 254 -3.58 -19.74 -14.58
N LEU B 255 -3.42 -18.64 -13.83
CA LEU B 255 -3.10 -18.64 -12.39
C LEU B 255 -1.82 -19.41 -12.09
N LEU B 256 -0.77 -19.13 -12.87
CA LEU B 256 0.46 -19.91 -12.74
C LEU B 256 1.35 -19.37 -11.63
N VAL B 257 1.65 -18.07 -11.65
CA VAL B 257 2.47 -17.46 -10.60
C VAL B 257 1.82 -17.55 -9.21
N PRO B 258 0.53 -17.21 -9.01
CA PRO B 258 -0.10 -17.48 -7.69
C PRO B 258 -0.11 -18.95 -7.26
N SER B 259 0.16 -19.90 -8.16
CA SER B 259 0.19 -21.31 -7.80
C SER B 259 1.60 -21.84 -7.65
N ILE B 260 2.60 -21.07 -8.09
CA ILE B 260 3.99 -21.36 -7.76
C ILE B 260 4.34 -20.78 -6.39
N ILE B 261 3.86 -19.55 -6.11
CA ILE B 261 4.14 -18.90 -4.83
C ILE B 261 3.60 -19.72 -3.64
N PHE B 262 2.37 -20.25 -3.73
CA PHE B 262 1.88 -21.08 -2.62
C PHE B 262 2.64 -22.38 -2.43
N ILE B 263 3.17 -22.99 -3.49
CA ILE B 263 3.91 -24.24 -3.30
C ILE B 263 5.37 -23.98 -2.98
N LEU B 264 5.85 -22.76 -3.14
CA LEU B 264 7.07 -22.35 -2.47
C LEU B 264 6.82 -21.84 -1.06
N ALA B 265 5.55 -21.61 -0.69
CA ALA B 265 5.20 -21.10 0.62
C ALA B 265 4.97 -22.21 1.64
N TYR B 266 4.20 -23.24 1.29
CA TYR B 266 3.93 -24.29 2.27
C TYR B 266 4.99 -25.40 2.26
N SER B 267 6.02 -25.28 1.42
CA SER B 267 7.12 -26.23 1.39
C SER B 267 8.31 -25.77 2.21
N LEU B 268 8.68 -24.48 2.12
CA LEU B 268 9.83 -23.96 2.83
C LEU B 268 9.53 -23.83 4.33
N LYS B 269 10.61 -23.70 5.11
CA LYS B 269 10.49 -23.58 6.54
C LYS B 269 9.99 -22.18 6.93
N PRO B 270 9.51 -22.01 8.17
CA PRO B 270 9.12 -20.67 8.65
C PRO B 270 10.24 -19.64 8.67
N ASN B 271 11.51 -20.05 8.61
CA ASN B 271 12.61 -19.09 8.65
C ASN B 271 12.69 -18.25 7.37
N GLN B 272 12.47 -18.88 6.21
CA GLN B 272 12.68 -18.24 4.92
C GLN B 272 11.47 -17.45 4.43
N GLY B 273 10.58 -17.02 5.32
CA GLY B 273 9.49 -16.14 4.92
C GLY B 273 8.19 -16.85 4.57
N THR B 274 7.77 -17.78 5.43
CA THR B 274 6.52 -18.49 5.19
C THR B 274 5.31 -17.58 5.38
N ASP B 275 5.34 -16.72 6.39
CA ASP B 275 4.22 -15.83 6.66
C ASP B 275 4.21 -14.60 5.75
N VAL B 276 5.28 -14.37 4.99
CA VAL B 276 5.28 -13.28 4.02
C VAL B 276 4.83 -13.75 2.64
N LEU B 277 5.17 -15.00 2.27
CA LEU B 277 4.85 -15.52 0.95
C LEU B 277 3.40 -15.95 0.79
N THR B 278 2.60 -15.94 1.84
CA THR B 278 1.19 -16.30 1.72
C THR B 278 0.28 -15.09 1.54
N THR B 279 0.61 -13.95 2.16
CA THR B 279 -0.17 -12.73 1.98
C THR B 279 -0.02 -12.18 0.57
N VAL B 280 1.18 -12.32 0.01
CA VAL B 280 1.43 -11.89 -1.37
C VAL B 280 0.70 -12.82 -2.33
N ALA B 281 0.63 -14.11 -1.98
CA ALA B 281 -0.01 -15.07 -2.87
C ALA B 281 -1.52 -14.92 -2.86
N THR B 282 -2.09 -14.56 -1.71
CA THR B 282 -3.54 -14.28 -1.65
C THR B 282 -3.88 -13.02 -2.43
N LEU B 283 -3.03 -11.97 -2.31
CA LEU B 283 -3.21 -10.76 -3.09
C LEU B 283 -3.11 -11.03 -4.58
N LEU B 284 -2.14 -11.85 -4.99
CA LEU B 284 -1.93 -12.15 -6.39
C LEU B 284 -3.08 -12.97 -6.96
N ALA B 285 -3.57 -13.98 -6.22
CA ALA B 285 -4.72 -14.76 -6.66
C ALA B 285 -5.97 -13.89 -6.83
N VAL B 286 -6.22 -12.98 -5.87
CA VAL B 286 -7.41 -12.14 -5.94
C VAL B 286 -7.28 -11.14 -7.10
N LEU B 287 -6.07 -10.68 -7.39
CA LEU B 287 -5.91 -9.74 -8.49
C LEU B 287 -5.90 -10.45 -9.85
N SER B 288 -5.50 -11.72 -9.89
CA SER B 288 -5.41 -12.47 -11.12
C SER B 288 -6.71 -13.18 -11.51
N LEU B 289 -7.70 -13.24 -10.61
CA LEU B 289 -8.98 -13.85 -10.98
C LEU B 289 -9.75 -13.15 -12.10
N PRO B 290 -9.77 -11.81 -12.25
CA PRO B 290 -10.36 -11.22 -13.47
C PRO B 290 -9.70 -11.63 -14.78
N LEU B 291 -8.43 -12.06 -14.76
CA LEU B 291 -7.78 -12.48 -15.99
C LEU B 291 -8.19 -13.90 -16.34
N SER B 292 -8.13 -14.80 -15.36
CA SER B 292 -8.56 -16.19 -15.56
C SER B 292 -10.03 -16.27 -15.94
N SER B 293 -10.86 -15.33 -15.48
CA SER B 293 -12.27 -15.35 -15.86
C SER B 293 -12.49 -15.04 -17.35
N MET B 294 -11.58 -14.33 -18.01
CA MET B 294 -11.75 -14.06 -19.44
C MET B 294 -11.36 -15.23 -20.32
N TRP B 295 -10.39 -16.05 -19.90
CA TRP B 295 -10.01 -17.21 -20.70
C TRP B 295 -11.00 -18.36 -20.55
N ALA B 296 -11.42 -18.64 -19.31
CA ALA B 296 -12.32 -19.75 -19.02
C ALA B 296 -13.66 -19.62 -19.76
N THR B 297 -14.27 -18.44 -19.71
CA THR B 297 -15.55 -18.22 -20.38
C THR B 297 -15.41 -18.12 -21.91
N ALA B 298 -14.20 -17.92 -22.42
CA ALA B 298 -14.01 -17.69 -23.85
C ALA B 298 -14.28 -18.96 -24.66
N ALA B 299 -14.67 -18.76 -25.91
CA ALA B 299 -14.94 -19.86 -26.81
C ALA B 299 -13.63 -20.55 -27.21
N ASN B 300 -13.69 -21.88 -27.31
CA ASN B 300 -12.48 -22.67 -27.50
C ASN B 300 -11.90 -22.52 -28.91
N ASN B 301 -12.75 -22.57 -29.93
CA ASN B 301 -12.27 -22.59 -31.32
C ASN B 301 -13.10 -21.66 -32.20
N ALA B 302 -13.31 -20.42 -31.72
CA ALA B 302 -14.01 -19.42 -32.50
C ALA B 302 -13.02 -18.46 -33.15
N SER B 303 -13.52 -17.70 -34.13
CA SER B 303 -12.70 -16.73 -34.84
C SER B 303 -12.39 -15.52 -33.96
C1 NAG C . 15.81 2.38 37.21
C2 NAG C . 16.14 1.38 38.35
C3 NAG C . 15.69 1.83 39.70
C4 NAG C . 16.17 3.21 40.04
C5 NAG C . 15.84 4.23 38.96
C6 NAG C . 16.65 5.45 39.25
C7 NAG C . 14.36 -0.68 38.23
C8 NAG C . 14.24 -2.16 37.86
N2 NAG C . 15.68 -0.04 38.09
O3 NAG C . 16.16 0.90 40.72
O4 NAG C . 15.55 3.62 41.26
O5 NAG C . 16.21 3.78 37.60
O6 NAG C . 15.84 6.57 39.50
O7 NAG C . 13.38 -0.11 38.61
C1 NAG D . 26.79 2.86 36.39
C2 NAG D . 28.24 2.41 36.17
C3 NAG D . 29.09 2.59 37.39
C4 NAG D . 29.00 3.97 37.97
C5 NAG D . 27.56 4.40 38.22
C6 NAG D . 27.54 5.84 38.63
C7 NAG D . 27.84 -0.21 36.36
C8 NAG D . 28.00 -1.56 35.66
N2 NAG D . 28.30 0.99 35.67
O3 NAG D . 30.47 2.31 37.04
O4 NAG D . 29.72 4.00 39.20
O5 NAG D . 26.70 4.23 37.03
O6 NAG D . 27.01 6.61 37.59
O7 NAG D . 27.36 -0.19 37.44
CAA Y01 E . -15.48 9.56 -0.91
CBA Y01 E . -15.38 8.04 -0.98
CAB Y01 E . -14.04 7.57 -0.44
CAN Y01 E . -15.61 7.54 -2.41
CAJ Y01 E . -14.61 8.00 -3.43
CAO Y01 E . -14.96 7.56 -4.83
CBB Y01 E . -14.01 8.07 -5.93
CAC Y01 E . -12.64 7.42 -5.80
CBE Y01 E . -14.65 7.85 -7.32
CAP Y01 E . -16.17 8.19 -7.33
CAQ Y01 E . -16.50 8.89 -8.65
CBG Y01 E . -15.30 8.52 -9.52
CBI Y01 E . -14.09 8.63 -8.57
CAE Y01 E . -13.79 10.09 -8.18
CAU Y01 E . -12.90 8.00 -9.30
CAS Y01 E . -12.66 8.65 -10.67
CBF Y01 E . -13.90 8.63 -11.58
CBD Y01 E . -15.13 9.22 -10.87
CAK Y01 E . -16.37 9.02 -11.73
CAI Y01 E . -16.13 9.22 -13.19
CAZ Y01 E . -14.93 9.38 -13.75
CAV Y01 E . -14.80 9.69 -15.23
CBH Y01 E . -13.62 9.28 -12.97
CAD Y01 E . -13.03 10.69 -12.84
CAT Y01 E . -12.65 8.38 -13.75
CAR Y01 E . -12.53 8.73 -15.23
CBC Y01 E . -13.87 8.72 -15.92
OAW Y01 E . -13.69 9.19 -17.29
CAY Y01 E . -14.70 9.04 -18.14
OAG Y01 E . -15.31 9.95 -18.62
CAM Y01 E . -14.93 7.59 -18.50
CAL Y01 E . -16.31 7.04 -18.25
CAX Y01 E . -16.53 5.61 -18.70
OAH Y01 E . -17.65 5.10 -18.54
OAF Y01 E . -15.56 5.01 -19.22
CAA Y01 F . -7.76 10.46 -7.70
CBA Y01 F . -8.89 9.47 -7.51
CAB Y01 F . -8.90 8.93 -6.10
CAN Y01 F . -8.83 8.35 -8.54
CAJ Y01 F . -7.65 7.40 -8.42
CAO Y01 F . -7.59 6.37 -9.52
CBB Y01 F . -7.35 6.93 -10.93
CAC Y01 F . -5.87 7.22 -11.14
CBE Y01 F . -7.96 6.00 -12.00
CAP Y01 F . -9.26 5.32 -11.51
CAQ Y01 F . -10.27 5.35 -12.68
CBG Y01 F . -9.38 5.58 -13.89
CBI Y01 F . -8.33 6.60 -13.40
CAE Y01 F . -8.95 8.00 -13.21
CAU Y01 F . -7.24 6.63 -14.47
CAS Y01 F . -7.79 6.99 -15.85
CBF Y01 F . -8.96 6.09 -16.31
CBD Y01 F . -10.04 5.93 -15.22
CAK Y01 F . -11.05 4.88 -15.63
CAI Y01 F . -11.47 5.02 -17.06
CAZ Y01 F . -10.87 5.82 -17.95
CAV Y01 F . -11.46 6.01 -19.32
CBH Y01 F . -9.56 6.55 -17.67
CAD Y01 F . -9.85 8.06 -17.67
CAT Y01 F . -8.59 6.20 -18.81
CAR Y01 F . -9.17 6.41 -20.21
CBC Y01 F . -10.46 5.64 -20.40
OAW Y01 F . -11.05 5.99 -21.68
CAY Y01 F . -10.40 5.65 -22.79
OAG Y01 F . -9.78 6.42 -23.47
CAM Y01 F . -10.56 4.18 -23.11
CAL Y01 F . -11.95 3.70 -23.46
CAX Y01 F . -12.91 3.61 -22.28
OAH Y01 F . -13.92 4.35 -22.28
OAF Y01 F . -12.66 2.80 -21.38
CAA Y01 G . 5.22 -4.80 -9.58
CBA Y01 G . 6.44 -4.34 -10.36
CAB Y01 G . 6.99 -5.49 -11.20
CAN Y01 G . 7.51 -3.77 -9.43
CAJ Y01 G . 8.11 -4.74 -8.45
CAO Y01 G . 9.20 -4.14 -7.59
CBB Y01 G . 9.91 -5.12 -6.65
CAC Y01 G . 10.69 -6.16 -7.45
CBE Y01 G . 10.79 -4.36 -5.63
CAP Y01 G . 10.17 -2.99 -5.24
CAQ Y01 G . 10.49 -2.75 -3.75
CBG Y01 G . 11.57 -3.78 -3.45
CBI Y01 G . 11.13 -5.03 -4.27
CAE Y01 G . 9.86 -5.68 -3.67
CAU Y01 G . 12.30 -6.00 -4.23
CAS Y01 G . 12.72 -6.36 -2.81
CBF Y01 G . 13.05 -5.14 -1.94
CBD Y01 G . 11.94 -4.07 -2.01
CAK Y01 G . 12.41 -2.79 -1.31
CAI Y01 G . 13.17 -3.05 -0.05
CAZ Y01 G . 13.56 -4.25 0.36
CAV Y01 G . 14.21 -4.43 1.73
CBH Y01 G . 13.41 -5.52 -0.48
CAD Y01 G . 12.34 -6.41 0.16
CAT Y01 G . 14.77 -6.26 -0.48
CAR Y01 G . 15.36 -6.45 0.92
CBC Y01 G . 15.54 -5.14 1.63
OAW Y01 G . 15.99 -5.37 2.99
CAY Y01 G . 17.12 -6.08 3.17
OAG Y01 G . 17.13 -7.15 3.69
CAM Y01 G . 18.34 -5.34 2.70
CAL Y01 G . 19.66 -6.08 2.78
CAX Y01 G . 20.11 -6.41 4.19
OAH Y01 G . 20.27 -7.61 4.49
OAF Y01 G . 20.33 -5.47 4.98
CAA Y01 H . -9.78 9.27 -2.36
CBA Y01 H . -10.98 10.12 -2.00
CAB Y01 H . -10.89 11.49 -2.65
CAN Y01 H . -11.16 10.24 -0.48
CAJ Y01 H . -9.99 10.85 0.25
CAO Y01 H . -10.24 10.97 1.74
CBB Y01 H . -9.08 11.60 2.54
CAC Y01 H . -8.84 13.03 2.08
CBE Y01 H . -9.35 11.48 4.06
CAP Y01 H . -10.02 10.12 4.43
CAQ Y01 H . -9.41 9.67 5.77
CBG Y01 H . -8.78 10.93 6.31
CBI Y01 H . -8.16 11.61 5.07
CAE Y01 H . -6.94 10.84 4.54
CAU Y01 H . -7.76 13.03 5.50
CAS Y01 H . -6.82 13.01 6.70
CBF Y01 H . -7.37 12.25 7.91
CBD Y01 H . -7.86 10.84 7.52
CAK Y01 H . -8.58 10.19 8.70
CAI Y01 H . -7.91 10.44 10.01
CAZ Y01 H . -6.91 11.29 10.20
CAV Y01 H . -6.23 11.40 11.56
CBH Y01 H . -6.39 12.22 9.12
CAD Y01 H . -4.98 11.73 8.69
CAT Y01 H . -6.28 13.65 9.70
CAR Y01 H . -5.58 13.72 11.06
CBC Y01 H . -6.25 12.82 12.07
OAW Y01 H . -5.53 12.85 13.34
CAY Y01 H . -5.76 13.85 14.18
OAG Y01 H . -6.54 14.73 13.97
CAM Y01 H . -4.94 13.72 15.44
CAL Y01 H . -3.99 12.54 15.53
CAX Y01 H . -2.73 12.66 14.67
OAH Y01 H . -1.95 13.61 14.91
OAF Y01 H . -2.54 11.82 13.78
CAA Y01 I . 8.06 0.56 -12.91
CBA Y01 I . 7.87 -0.74 -12.14
CAB Y01 I . 9.21 -1.31 -11.72
CAN Y01 I . 7.06 -1.75 -12.95
CAJ Y01 I . 7.62 -2.10 -14.30
CAO Y01 I . 6.87 -3.22 -14.98
CBB Y01 I . 7.09 -3.35 -16.50
CAC Y01 I . 8.06 -4.48 -16.80
CBE Y01 I . 5.73 -3.50 -17.21
CAP Y01 I . 4.63 -2.61 -16.56
CAQ Y01 I . 3.75 -2.07 -17.70
CBG Y01 I . 4.09 -2.98 -18.87
CBI Y01 I . 5.62 -3.18 -18.74
CAE Y01 I . 6.41 -1.90 -19.07
CAU Y01 I . 5.99 -4.32 -19.72
CAS Y01 I . 5.54 -4.01 -21.15
CBF Y01 I . 4.04 -3.68 -21.27
CBD Y01 I . 3.61 -2.60 -20.26
CAK Y01 I . 2.10 -2.45 -20.28
CAI Y01 I . 1.53 -2.44 -21.67
CAZ Y01 I . 2.19 -2.80 -22.75
CAV Y01 I . 1.53 -2.72 -24.12
CBH Y01 I . 3.61 -3.36 -22.73
CAD Y01 I . 4.55 -2.32 -23.38
CAT Y01 I . 3.63 -4.67 -23.56
CAR Y01 I . 2.96 -4.55 -24.94
CBC Y01 I . 1.55 -4.05 -24.81
OAW Y01 I . 0.97 -3.86 -26.14
CAY Y01 I . 0.43 -4.91 -26.75
OAG Y01 I . 0.85 -5.36 -27.78
CAM Y01 I . -0.79 -5.43 -26.04
CAL Y01 I . -1.95 -4.46 -25.87
CAX Y01 I . -2.39 -3.77 -27.15
OAH Y01 I . -2.77 -4.48 -28.10
OAF Y01 I . -2.34 -2.52 -27.18
CAA Y01 J . 16.31 7.30 -16.88
CBA Y01 J . 14.82 7.35 -16.56
CAB Y01 J . 14.59 7.41 -15.06
CAN Y01 J . 14.08 6.18 -17.20
CAJ Y01 J . 12.57 6.23 -17.09
CAO Y01 J . 11.88 5.01 -17.69
CBB Y01 J . 12.04 4.86 -19.22
CAC Y01 J . 12.91 3.63 -19.54
CBE Y01 J . 10.66 4.80 -19.91
CAP Y01 J . 9.60 5.68 -19.18
CAQ Y01 J . 8.64 6.23 -20.25
CBG Y01 J . 8.99 5.41 -21.49
CBI Y01 J . 10.52 5.23 -21.40
CAE Y01 J . 11.27 6.55 -21.64
CAU Y01 J . 10.90 4.19 -22.46
CAS Y01 J . 10.42 4.60 -23.86
CBF Y01 J . 8.91 4.87 -23.93
CBD Y01 J . 8.46 5.87 -22.84
CAK Y01 J . 6.95 5.97 -22.83
CAI Y01 J . 6.33 5.98 -24.20
CAZ Y01 J . 6.98 5.71 -25.32
CAV Y01 J . 6.28 5.82 -26.65
CBH Y01 J . 8.44 5.27 -25.36
CAD Y01 J . 9.28 6.43 -25.93
CAT Y01 J . 8.56 4.04 -26.28
CAR Y01 J . 7.85 4.18 -27.62
CBC Y01 J . 6.39 4.52 -27.44
OAW Y01 J . 5.76 4.73 -28.74
CAY Y01 J . 5.68 3.69 -29.57
OAG Y01 J . 6.21 3.66 -30.64
CAM Y01 J . 4.80 2.60 -29.02
CAL Y01 J . 3.33 2.94 -28.86
CAX Y01 J . 2.62 3.30 -30.16
OAH Y01 J . 2.58 2.45 -31.06
OAF Y01 J . 2.11 4.43 -30.25
CAA Y01 K . -5.26 4.92 -3.61
CBA Y01 K . -6.71 5.21 -3.25
CAB Y01 K . -7.08 6.61 -3.70
CAN Y01 K . -6.96 5.01 -1.75
CAJ Y01 K . -6.16 5.89 -0.83
CAO Y01 K . -6.41 5.59 0.62
CBB Y01 K . -5.64 6.48 1.62
CAC Y01 K . -6.08 7.93 1.48
CBE Y01 K . -5.79 5.91 3.05
CAP Y01 K . -5.75 4.36 3.08
CAQ Y01 K . -5.06 3.95 4.39
CBG Y01 K . -5.08 5.22 5.21
CBI Y01 K . -4.79 6.33 4.18
CAE Y01 K . -3.35 6.27 3.65
CAU Y01 K . -5.05 7.68 4.88
CAS Y01 K . -4.24 7.81 6.18
CBF Y01 K . -4.50 6.67 7.17
CBD Y01 K . -4.27 5.29 6.51
CAK Y01 K . -4.68 4.17 7.45
CAI Y01 K . -4.33 4.43 8.88
CAZ Y01 K . -3.92 5.58 9.37
CAV Y01 K . -3.63 5.72 10.85
CBH Y01 K . -3.75 6.84 8.52
CAD Y01 K . -2.25 7.08 8.31
CAT Y01 K . -4.37 8.06 9.25
CAR Y01 K . -4.05 8.14 10.75
CBC Y01 K . -4.40 6.86 11.45
OAW Y01 K . -4.33 6.88 12.91
CAY Y01 K . -3.25 7.41 13.53
OAG Y01 K . -2.13 7.31 13.12
CAM Y01 K . -3.63 8.13 14.79
CAL Y01 K . -2.48 8.62 15.66
CAX Y01 K . -1.55 7.54 16.17
OAH Y01 K . -0.35 7.59 15.85
OAF Y01 K . -2.03 6.64 16.89
CAA Y01 L . 16.08 4.51 -12.79
CBA Y01 L . 16.88 3.23 -12.89
CAB Y01 L . 16.10 2.05 -12.30
CAN Y01 L . 18.24 3.37 -12.22
CAJ Y01 L . 18.22 3.61 -10.73
CAO Y01 L . 19.10 2.65 -9.96
CBB Y01 L . 19.14 2.88 -8.45
CAC Y01 L . 18.14 1.94 -7.76
CBE Y01 L . 20.59 2.72 -7.93
CAP Y01 L . 21.60 3.46 -8.85
CAQ Y01 L . 22.68 4.10 -7.94
CBG Y01 L . 22.50 3.34 -6.64
CBI Y01 L . 20.96 3.20 -6.48
CAE Y01 L . 20.29 4.55 -6.18
CAU Y01 L . 20.73 2.20 -5.34
CAS Y01 L . 21.43 2.63 -4.04
CBF Y01 L . 22.95 2.86 -4.23
CBD Y01 L . 23.23 3.83 -5.39
CAK Y01 L . 24.74 3.90 -5.65
CAI Y01 L . 25.56 3.93 -4.41
CAZ Y01 L . 25.09 3.70 -3.19
CAV Y01 L . 25.99 3.83 -1.98
CBH Y01 L . 23.65 3.28 -2.90
CAD Y01 L . 22.92 4.46 -2.23
CAT Y01 L . 23.67 2.07 -1.95
CAR Y01 L . 24.60 2.23 -0.74
CBC Y01 L . 26.00 2.55 -1.17
OAW Y01 L . 26.83 2.77 0.01
CAY Y01 L . 27.62 1.79 0.41
OAG Y01 L . 27.51 1.22 1.47
CAM Y01 L . 28.71 1.50 -0.58
CAL Y01 L . 30.14 1.57 -0.06
CAX Y01 L . 30.50 2.88 0.63
OAH Y01 L . 30.89 2.83 1.81
OAF Y01 L . 30.37 3.94 -0.01
CAA Y01 M . 12.57 0.07 -10.86
CBA Y01 M . 12.59 -0.26 -9.38
CAB Y01 M . 11.93 0.86 -8.58
CAN Y01 M . 14.01 -0.53 -8.89
CAJ Y01 M . 14.15 -0.80 -7.41
CAO Y01 M . 15.50 -1.34 -7.04
CBB Y01 M . 15.87 -1.22 -5.56
CAC Y01 M . 14.76 -1.81 -4.69
CBE Y01 M . 17.26 -1.85 -5.29
CAP Y01 M . 18.25 -1.61 -6.46
CAQ Y01 M . 19.64 -1.40 -5.84
CBG Y01 M . 19.48 -1.94 -4.44
CBI Y01 M . 18.07 -1.46 -4.02
CAE Y01 M . 18.02 0.07 -3.81
CAU Y01 M . 17.72 -2.19 -2.71
CAS Y01 M . 18.78 -1.96 -1.63
CBF Y01 M . 20.20 -2.36 -2.07
CBD Y01 M . 20.58 -1.70 -3.42
CAK Y01 M . 21.91 -2.26 -3.91
CAI Y01 M . 22.91 -2.48 -2.82
CAZ Y01 M . 22.65 -2.38 -1.53
CAV Y01 M . 23.78 -2.51 -0.51
CBH Y01 M . 21.26 -2.13 -0.96
CAD Y01 M . 21.22 -0.69 -0.42
CAT Y01 M . 21.00 -3.13 0.17
CAR Y01 M . 22.14 -3.23 1.21
CBC Y01 M . 23.44 -3.55 0.54
OAW Y01 M . 24.57 -3.74 1.47
CAY Y01 M . 25.15 -2.68 2.07
OAG Y01 M . 24.55 -1.70 2.43
CAM Y01 M . 26.62 -2.87 2.23
CAL Y01 M . 27.06 -4.04 3.11
CAX Y01 M . 26.71 -3.90 4.58
OAH Y01 M . 25.51 -3.85 4.91
OAF Y01 M . 27.65 -3.84 5.40
CAA Y01 N . 19.22 7.48 -11.82
CBA Y01 N . 18.50 7.60 -10.50
CAB Y01 N . 17.23 8.43 -10.66
CAN Y01 N . 19.41 8.17 -9.42
CAJ Y01 N . 19.94 9.55 -9.69
CAO Y01 N . 20.83 10.08 -8.58
CBB Y01 N . 22.16 9.32 -8.39
CAC Y01 N . 22.94 9.28 -9.71
CBE Y01 N . 22.97 9.93 -7.22
CAP Y01 N . 22.06 10.45 -6.09
CAQ Y01 N . 22.86 10.34 -4.77
CBG Y01 N . 24.27 9.98 -5.24
CBI Y01 N . 24.04 9.08 -6.47
CAE Y01 N . 23.45 7.72 -6.08
CAU Y01 N . 25.40 8.91 -7.16
CAS Y01 N . 26.47 8.36 -6.20
CBF Y01 N . 26.63 9.23 -4.94
CBD Y01 N . 25.28 9.47 -4.23
CAK Y01 N . 25.46 10.47 -3.09
CAI Y01 N . 26.75 10.32 -2.35
CAZ Y01 N . 27.74 9.50 -2.69
CAV Y01 N . 28.95 9.35 -1.80
CBH Y01 N . 27.73 8.68 -3.98
CAD Y01 N . 27.48 7.21 -3.61
CAT Y01 N . 29.11 8.82 -4.67
CAR Y01 N . 30.30 8.64 -3.73
CBC Y01 N . 30.22 9.59 -2.56
OAW Y01 N . 31.34 9.41 -1.65
CAY Y01 N . 32.48 10.05 -1.88
OAG Y01 N . 32.73 10.60 -2.93
CAM Y01 N . 33.38 10.08 -0.69
CAL Y01 N . 32.82 9.47 0.59
CAX Y01 N . 33.73 9.56 1.79
OAH Y01 N . 34.84 8.99 1.74
OAF Y01 N . 33.34 10.19 2.79
CAA Y01 O . 19.67 15.12 -9.75
CBA Y01 O . 20.81 15.55 -10.65
CAB Y01 O . 21.30 14.38 -11.50
CAN Y01 O . 21.96 16.17 -9.84
CAJ Y01 O . 22.61 15.26 -8.84
CAO Y01 O . 23.75 15.91 -8.10
CBB Y01 O . 24.52 15.00 -7.14
CAC Y01 O . 25.24 13.91 -7.93
CBE Y01 O . 25.47 15.83 -6.25
CAP Y01 O . 24.79 17.16 -5.77
CAQ Y01 O . 25.30 17.43 -4.35
CBG Y01 O . 26.50 16.52 -4.21
CBI Y01 O . 26.07 15.23 -4.94
CAE Y01 O . 24.98 14.47 -4.17
CAU Y01 O . 27.33 14.36 -5.09
CAS Y01 O . 28.01 14.10 -3.75
CBF Y01 O . 28.36 15.39 -2.98
CBD Y01 O . 27.13 16.31 -2.83
CAK Y01 O . 27.55 17.66 -2.24
CAI Y01 O . 28.58 17.53 -1.16
CAZ Y01 O . 29.21 16.41 -0.83
CAV Y01 O . 30.15 16.38 0.35
CBH Y01 O . 29.06 15.11 -1.61
CAD Y01 O . 28.25 14.12 -0.75
CAT Y01 O . 30.47 14.53 -1.90
CAR Y01 O . 31.39 14.48 -0.68
CBC Y01 O . 31.51 15.84 -0.04
OAW Y01 O . 32.50 15.96 1.05
CAY Y01 O . 32.37 15.25 2.20
OAG Y01 O . 31.49 14.48 2.42
CAM Y01 O . 33.47 15.57 3.17
CAL Y01 O . 33.66 17.03 3.55
CAX Y01 O . 32.46 17.67 4.24
OAH Y01 O . 32.58 17.98 5.45
OAF Y01 O . 31.42 17.86 3.58
C1 NAG P . 19.93 -4.40 34.94
C2 NAG P . 20.66 -3.45 35.94
C3 NAG P . 22.00 -3.95 36.37
C4 NAG P . 21.95 -5.36 36.90
C5 NAG P . 21.27 -6.32 35.94
C6 NAG P . 20.99 -7.58 36.70
C7 NAG P . 21.69 -1.35 34.55
C8 NAG P . 21.50 0.15 34.30
N2 NAG P . 20.76 -2.01 35.48
O3 NAG P . 22.55 -3.08 37.41
O4 NAG P . 23.30 -5.80 37.13
O5 NAG P . 19.98 -5.82 35.43
O6 NAG P . 21.66 -8.68 36.16
O7 NAG P . 22.57 -1.90 33.97
C1 NAG Q . 12.64 -5.12 43.16
C2 NAG Q . 11.59 -4.70 44.21
C3 NAG Q . 12.04 -4.95 45.61
C4 NAG Q . 12.52 -6.35 45.82
C5 NAG Q . 13.60 -6.76 44.80
C6 NAG Q . 13.90 -8.21 44.97
C7 NAG Q . 12.03 -2.08 44.12
C8 NAG Q . 11.40 -0.71 43.88
N2 NAG Q . 11.18 -3.26 44.01
O3 NAG Q . 10.92 -4.70 46.50
O4 NAG Q . 13.08 -6.46 47.13
O5 NAG Q . 13.16 -6.52 43.41
O6 NAG Q . 13.37 -8.92 43.88
O7 NAG Q . 13.18 -2.13 44.39
CAA Y01 R . -11.01 5.74 -1.76
CBA Y01 R . -10.68 4.31 -1.36
CAB Y01 R . -11.55 3.33 -2.14
CAN Y01 R . -10.81 4.10 0.15
CAJ Y01 R . -12.19 4.36 0.72
CAO Y01 R . -12.31 3.95 2.17
CBB Y01 R . -11.65 4.91 3.18
CAC Y01 R . -12.52 6.17 3.33
CBE Y01 R . -11.39 4.17 4.51
CAP Y01 R . -10.81 2.76 4.28
CAQ Y01 R . -9.76 2.50 5.37
CBG Y01 R . -10.09 3.56 6.41
CBI Y01 R . -10.43 4.81 5.58
CAE Y01 R . -9.20 5.41 4.89
CAU Y01 R . -11.06 5.82 6.56
CAS Y01 R . -10.12 6.13 7.73
CBF Y01 R . -9.67 4.88 8.50
CBD Y01 R . -9.10 3.80 7.55
CAK Y01 R . -8.84 2.51 8.32
CAI Y01 R . -8.22 2.75 9.66
CAZ Y01 R . -8.09 3.94 10.24
CAV Y01 R . -7.33 4.08 11.54
CBH Y01 R . -8.70 5.22 9.67
CAD Y01 R . -7.55 6.13 9.21
CAT Y01 R . -9.48 5.91 10.81
CAR Y01 R . -8.68 6.07 12.10
CBC Y01 R . -8.17 4.75 12.60
OAW Y01 R . -7.29 4.94 13.76
CAY Y01 R . -7.84 5.04 14.97
OAG Y01 R . -8.57 5.94 15.30
CAM Y01 R . -7.45 3.90 15.85
CAL Y01 R . -5.96 3.72 16.11
CAX Y01 R . -5.34 4.73 17.04
OAH Y01 R . -4.83 4.32 18.11
OAF Y01 R . -5.35 5.93 16.71
CAA Y01 S . -19.09 -8.47 7.07
CBA Y01 S . -20.40 -8.75 7.80
CAB Y01 S . -21.13 -7.45 8.09
CAN Y01 S . -20.16 -9.56 9.07
CAJ Y01 S . -19.28 -8.90 10.11
CAO Y01 S . -19.24 -9.64 11.43
CBB Y01 S . -19.69 -8.81 12.66
CAC Y01 S . -21.06 -8.20 12.41
CBE Y01 S . -19.62 -9.69 13.93
CAP Y01 S . -18.39 -10.63 13.94
CAQ Y01 S . -17.92 -10.76 15.40
CBG Y01 S . -19.09 -10.19 16.19
CBI Y01 S . -19.58 -9.01 15.34
CAE Y01 S . -18.57 -7.84 15.32
CAU Y01 S . -20.91 -8.56 15.94
CAS Y01 S . -20.79 -8.21 17.43
CBF Y01 S . -20.21 -9.36 18.27
CBD Y01 S . -18.89 -9.88 17.68
CAK Y01 S . -18.45 -11.15 18.43
CAI Y01 S . -18.68 -11.06 19.89
CAZ Y01 S . -19.36 -10.10 20.52
CAV Y01 S . -19.46 -10.08 22.03
CBH Y01 S . -20.09 -8.99 19.77
CAD Y01 S . -19.32 -7.68 19.99
CAT Y01 S . -21.53 -8.86 20.35
CAR Y01 S . -21.58 -8.82 21.88
CBC Y01 S . -20.90 -10.02 22.48
OAW Y01 S . -20.92 -9.93 23.94
CAY Y01 S . -22.10 -9.94 24.57
OAG Y01 S . -22.47 -9.07 25.29
CAM Y01 S . -22.85 -11.23 24.32
CAL Y01 S . -22.26 -12.50 24.91
CAX Y01 S . -22.31 -12.59 26.42
OAH Y01 S . -22.96 -13.50 26.94
OAF Y01 S . -21.67 -11.74 27.08
CAA Y01 T . -21.33 -15.78 7.55
CBA Y01 T . -21.76 -15.09 8.83
CAB Y01 T . -21.36 -13.62 8.81
CAN Y01 T . -21.21 -15.80 10.07
CAJ Y01 T . -21.60 -15.20 11.39
CAO Y01 T . -21.15 -16.02 12.57
CBB Y01 T . -21.56 -15.47 13.95
CAC Y01 T . -23.08 -15.41 14.05
CBE Y01 T . -20.91 -16.30 15.08
CAP Y01 T . -19.49 -16.81 14.70
CAQ Y01 T . -18.66 -16.85 16.00
CBG Y01 T . -19.70 -16.67 17.10
CBI Y01 T . -20.70 -15.67 16.49
CAE Y01 T . -20.10 -14.25 16.35
CAU Y01 T . -21.92 -15.65 17.42
CAS Y01 T . -21.53 -15.30 18.87
CBF Y01 T . -20.45 -16.23 19.45
CBD Y01 T . -19.22 -16.35 18.51
CAK Y01 T . -18.28 -17.43 19.03
CAI Y01 T . -18.14 -17.43 20.52
CAZ Y01 T . -18.87 -16.70 21.35
CAV Y01 T . -18.56 -16.69 22.84
CBH Y01 T . -20.06 -15.86 20.90
CAD Y01 T . -19.67 -14.37 21.02
CAT Y01 T . -21.25 -16.16 21.83
CAR Y01 T . -20.91 -16.12 23.32
CBC Y01 T . -19.77 -17.04 23.65
OAW Y01 T . -19.42 -16.89 25.06
CAY Y01 T . -20.32 -17.21 25.97
OAG Y01 T . -20.81 -16.42 26.74
CAM Y01 T . -20.62 -18.69 26.00
CAL Y01 T . -19.46 -19.59 26.37
CAX Y01 T . -18.80 -19.27 27.70
OAH Y01 T . -19.50 -19.35 28.73
OAF Y01 T . -17.61 -18.95 27.71
CAA Y01 U . 8.41 -8.46 -13.28
CBA Y01 U . 7.10 -9.21 -13.16
CAB Y01 U . 7.09 -10.43 -14.07
CAN Y01 U . 5.90 -8.30 -13.44
CAJ Y01 U . 5.87 -7.67 -14.81
CAO Y01 U . 4.69 -6.75 -15.03
CBB Y01 U . 3.31 -7.43 -15.06
CAC Y01 U . 2.50 -6.99 -13.84
CBE Y01 U . 2.60 -7.14 -16.41
CAP Y01 U . 3.56 -7.36 -17.61
CAQ Y01 U . 2.75 -8.03 -18.73
CBG Y01 U . 1.32 -7.72 -18.34
CBI Y01 U . 1.30 -7.92 -16.81
CAE Y01 U . 1.43 -9.40 -16.42
CAU Y01 U . -0.03 -7.34 -16.30
CAS Y01 U . -1.24 -7.96 -17.02
CBF Y01 U . -1.16 -7.83 -18.55
CBD Y01 U . 0.17 -8.39 -19.09
CAK Y01 U . 0.30 -8.10 -20.59
CAI Y01 U . -0.99 -8.21 -21.33
CAZ Y01 U . -2.18 -8.38 -20.78
CAV Y01 U . -3.41 -8.56 -21.65
CBH Y01 U . -2.41 -8.41 -19.28
CAD Y01 U . -2.69 -9.87 -18.86
CAT Y01 U . -3.63 -7.52 -18.94
CAR Y01 U . -4.85 -7.77 -19.82
CBC Y01 U . -4.50 -7.59 -21.27
OAW Y01 U . -5.67 -7.89 -22.10
CAY Y01 U . -5.81 -7.23 -23.25
OAG Y01 U . -5.27 -6.19 -23.49
CAM Y01 U . -6.70 -7.98 -24.21
CAL Y01 U . -6.10 -9.21 -24.87
CAX Y01 U . -5.01 -8.92 -25.88
OAH Y01 U . -4.43 -9.89 -26.42
OAF Y01 U . -4.74 -7.73 -26.14
CAA Y01 V . -0.94 -9.38 -13.37
CBA Y01 V . -1.02 -9.00 -11.90
CAB Y01 V . -1.18 -10.24 -11.03
CAN Y01 V . -2.14 -7.99 -11.65
CAJ Y01 V . -1.96 -6.63 -12.29
CAO Y01 V . -3.16 -5.73 -12.12
CBB Y01 V . -4.45 -6.22 -12.81
CAC Y01 V . -5.52 -6.54 -11.76
CBE Y01 V . -4.93 -5.22 -13.88
CAP Y01 V . -3.74 -4.51 -14.59
CAQ Y01 V . -4.02 -4.55 -16.10
CBG Y01 V . -5.54 -4.71 -16.16
CBI Y01 V . -5.83 -5.75 -15.06
CAE Y01 V . -5.37 -7.15 -15.46
CAU Y01 V . -7.34 -5.71 -14.84
CAS Y01 V . -8.11 -6.00 -16.14
CBF Y01 V . -7.72 -5.09 -17.32
CBD Y01 V . -6.18 -5.01 -17.49
CAK Y01 V . -5.84 -3.94 -18.53
CAI Y01 V . -6.72 -4.00 -19.72
CAZ Y01 V . -7.82 -4.74 -19.83
CAV Y01 V . -8.57 -4.85 -21.13
CBH Y01 V . -8.44 -5.48 -18.64
CAD Y01 V . -8.35 -6.99 -18.92
CAT Y01 V . -9.92 -5.06 -18.55
CAR Y01 V . -10.69 -5.18 -19.88
CBC Y01 V . -10.00 -4.40 -20.98
OAW Y01 V . -10.69 -4.64 -22.24
CAY Y01 V . -11.78 -3.90 -22.51
OAG Y01 V . -11.95 -2.80 -22.10
CAM Y01 V . -12.78 -4.68 -23.33
CAL Y01 V . -14.06 -3.94 -23.66
CAX Y01 V . -15.05 -4.72 -24.49
OAH Y01 V . -15.49 -5.79 -24.02
OAF Y01 V . -15.39 -4.27 -25.61
CAA Y01 W . -16.46 0.61 4.00
CBA Y01 W . -14.94 0.67 3.91
CAB Y01 W . -14.38 -0.71 3.63
CAN Y01 W . -14.34 1.27 5.17
CAJ Y01 W . -14.64 0.54 6.46
CAO Y01 W . -13.98 1.16 7.66
CBB Y01 W . -14.24 0.44 8.99
CAC Y01 W . -13.54 -0.91 9.01
CBE Y01 W . -13.84 1.35 10.17
CAP Y01 W . -14.23 2.84 9.92
CAQ Y01 W . -14.68 3.43 11.27
CBG Y01 W . -14.14 2.43 12.28
CBI Y01 W . -14.38 1.06 11.62
CAE Y01 W . -15.88 0.70 11.54
CAU Y01 W . -13.62 0.02 12.45
CAS Y01 W . -14.03 0.05 13.92
CBF Y01 W . -13.89 1.44 14.57
CBD Y01 W . -14.59 2.53 13.74
CAK Y01 W . -14.27 3.91 14.30
CAI Y01 W . -14.26 3.95 15.79
CAZ Y01 W . -14.32 2.89 16.59
CAV Y01 W . -14.38 3.05 18.09
CBH Y01 W . -14.31 1.46 16.07
CAD Y01 W . -15.72 0.86 16.27
CAT Y01 W . -13.28 0.64 16.88
CAR Y01 W . -13.38 0.83 18.40
CBC Y01 W . -13.28 2.29 18.76
OAW Y01 W . -13.40 2.48 20.20
CAY Y01 W . -12.41 2.07 20.99
OAG Y01 W . -12.57 1.37 21.95
CAM Y01 W . -11.08 2.68 20.61
CAL Y01 W . -10.92 4.17 20.84
CAX Y01 W . -11.13 4.62 22.28
OAH Y01 W . -10.40 4.12 23.16
OAF Y01 W . -12.03 5.45 22.51
CAA Y01 X . -19.72 -4.39 5.07
CBA Y01 X . -20.13 -3.08 5.72
CAB Y01 X . -19.05 -2.02 5.50
CAN Y01 X . -20.42 -3.26 7.21
CAJ Y01 X . -19.26 -3.74 8.05
CAO Y01 X . -18.96 -2.82 9.20
CBB Y01 X . -18.09 -3.42 10.32
CAC Y01 X . -16.61 -3.32 9.96
CBE Y01 X . -18.43 -2.77 11.68
CAP Y01 X . -19.98 -2.57 11.85
CAQ Y01 X . -20.31 -2.90 13.31
CBG Y01 X . -18.97 -2.78 14.00
CBI Y01 X . -17.99 -3.44 13.01
CAE Y01 X . -18.19 -4.97 12.93
CAU Y01 X . -16.57 -3.12 13.52
CAS Y01 X . -16.36 -3.55 14.97
CBF Y01 X . -17.41 -2.96 15.93
CBD Y01 X . -18.85 -3.22 15.45
CAK Y01 X . -19.84 -2.47 16.32
CAI Y01 X . -19.49 -2.51 17.78
CAZ Y01 X . -18.34 -2.91 18.28
CAV Y01 X . -18.11 -2.92 19.78
CBH Y01 X . -17.17 -3.37 17.42
CAD Y01 X . -17.03 -4.90 17.56
CAT Y01 X . -15.87 -2.67 17.91
CAR Y01 X . -15.68 -2.70 19.44
CBC Y01 X . -16.89 -2.12 20.14
OAW Y01 X . -16.72 -2.16 21.59
CAY Y01 X . -15.83 -1.33 22.15
OAG Y01 X . -14.99 -1.68 22.92
CAM Y01 X . -16.10 0.12 21.78
CAL Y01 X . -17.34 0.76 22.39
CAX Y01 X . -17.39 0.75 23.90
OAH Y01 X . -16.48 1.31 24.53
OAF Y01 X . -18.35 0.18 24.46
CAA Y01 Y . -14.21 0.60 -1.76
CBA Y01 Y . -14.67 1.23 -0.46
CAB Y01 Y . -15.71 0.35 0.21
CAN Y01 Y . -15.19 2.65 -0.68
CAJ Y01 Y . -16.48 2.76 -1.46
CAO Y01 Y . -16.31 3.44 -2.80
CBB Y01 Y . -17.59 3.58 -3.63
CAC Y01 Y . -18.54 4.60 -3.00
CBE Y01 Y . -17.24 3.90 -5.10
CAP Y01 Y . -16.00 3.09 -5.59
CAQ Y01 Y . -16.29 2.62 -7.02
CBG Y01 Y . -17.40 3.56 -7.47
CBI Y01 Y . -18.32 3.66 -6.23
CAE Y01 Y . -19.08 2.36 -5.96
CAU Y01 Y . -19.29 4.82 -6.51
CAS Y01 Y . -20.07 4.60 -7.80
CBF Y01 Y . -19.17 4.38 -9.03
CBD Y01 Y . -18.12 3.27 -8.77
CAK Y01 Y . -17.14 3.22 -9.93
CAI Y01 Y . -17.80 3.33 -11.26
CAZ Y01 Y . -19.06 3.68 -11.47
CAV Y01 Y . -19.64 3.70 -12.86
CBH Y01 Y . -19.98 4.15 -10.34
CAD Y01 Y . -21.08 3.07 -10.15
CAT Y01 Y . -20.63 5.48 -10.77
CAR Y01 Y . -21.22 5.47 -12.18
CBC Y01 Y . -20.19 5.06 -13.20
OAW Y01 Y . -20.81 4.97 -14.52
CAY Y01 Y . -20.02 4.92 -15.59
OAG Y01 Y . -18.87 5.26 -15.59
CAM Y01 Y . -20.74 4.36 -16.79
CAL Y01 Y . -21.94 5.14 -17.27
CAX Y01 Y . -21.66 6.61 -17.57
OAH Y01 Y . -20.80 6.89 -18.42
OAF Y01 Y . -22.32 7.47 -16.94
CAA Y01 Z . -21.69 -8.44 -0.03
CBA Y01 Z . -21.10 -7.26 0.73
CAB Y01 Z . -21.69 -7.17 2.12
CAN Y01 Z . -21.27 -5.96 -0.05
CAJ Y01 Z . -20.48 -5.86 -1.34
CAO Y01 Z . -20.77 -4.58 -2.12
CBB Y01 Z . -22.16 -4.51 -2.77
CAC Y01 Z . -23.01 -3.44 -2.07
CBE Y01 Z . -22.02 -4.26 -4.29
CAP Y01 Z . -20.84 -5.07 -4.91
CAQ Y01 Z . -21.32 -5.62 -6.26
CBG Y01 Z . -22.50 -4.71 -6.59
CBI Y01 Z . -23.23 -4.57 -5.24
CAE Y01 Z . -23.94 -5.86 -4.81
CAU Y01 Z . -24.25 -3.43 -5.43
CAS Y01 Z . -25.20 -3.70 -6.61
CBF Y01 Z . -24.46 -3.96 -7.93
CBD Y01 Z . -23.40 -5.07 -7.78
CAK Y01 Z . -22.57 -5.19 -9.06
CAI Y01 Z . -23.38 -5.04 -10.31
CAZ Y01 Z . -24.64 -4.64 -10.35
CAV Y01 Z . -25.38 -4.59 -11.68
CBH Y01 Z . -25.43 -4.20 -9.12
CAD Y01 Z . -26.47 -5.30 -8.80
CAT Y01 Z . -26.16 -2.87 -9.45
CAR Y01 Z . -26.89 -2.86 -10.79
CBC Y01 Z . -25.97 -3.22 -11.92
OAW Y01 Z . -26.70 -3.26 -13.18
CAY Y01 Z . -27.04 -2.10 -13.73
OAG Y01 Z . -28.17 -1.69 -13.79
CAM Y01 Z . -25.84 -1.38 -14.31
CAL Y01 Z . -25.08 -2.08 -15.41
CAX Y01 Z . -25.82 -2.20 -16.73
OAH Y01 Z . -26.94 -1.67 -16.83
OAF Y01 Z . -25.28 -2.83 -17.65
CAA Y01 AA . 4.25 -8.42 -8.80
CBA Y01 AA . 4.73 -9.56 -9.68
CAB Y01 AA . 3.55 -10.26 -10.34
CAN Y01 AA . 5.60 -10.54 -8.89
CAJ Y01 AA . 6.90 -9.98 -8.36
CAO Y01 AA . 7.84 -11.04 -7.84
CBB Y01 AA . 7.59 -11.53 -6.40
CAC Y01 AA . 6.90 -12.89 -6.43
CBE Y01 AA . 8.91 -11.51 -5.60
CAP Y01 AA . 9.74 -10.23 -5.88
CAQ Y01 AA . 10.38 -9.80 -4.55
CBG Y01 AA . 10.29 -11.06 -3.71
CBI Y01 AA . 8.89 -11.62 -4.03
CAE Y01 AA . 7.76 -10.76 -3.47
CAU Y01 AA . 8.84 -13.04 -3.44
CAS Y01 AA . 9.15 -13.04 -1.94
CBF Y01 AA . 10.50 -12.38 -1.61
CBD Y01 AA . 10.62 -10.98 -2.22
CAK Y01 AA . 12.03 -10.44 -2.02
CAI Y01 AA . 12.59 -10.72 -0.66
CAZ Y01 AA . 12.04 -11.56 0.22
CAV Y01 AA . 12.66 -11.72 1.60
CBH Y01 AA . 10.81 -12.41 -0.07
CAD Y01 AA . 9.63 -11.84 0.75
CAT Y01 AA . 11.09 -13.86 0.36
CAR Y01 AA . 11.70 -13.99 1.76
CBC Y01 AA . 12.96 -13.17 1.89
OAW Y01 AA . 13.49 -13.25 3.24
CAY Y01 AA . 14.20 -14.32 3.58
OAG Y01 AA . 14.52 -15.18 2.82
CAM Y01 AA . 14.56 -14.32 5.05
CAL Y01 AA . 14.01 -13.18 5.89
CAX Y01 AA . 12.57 -13.36 6.34
OAH Y01 AA . 12.34 -13.40 7.57
OAF Y01 AA . 11.67 -13.46 5.47
CAA Y01 BA . 0.09 -4.65 -6.59
CBA Y01 BA . 1.22 -4.84 -7.59
CAB Y01 BA . 1.06 -6.17 -8.32
CAN Y01 BA . 2.59 -4.73 -6.92
CAJ Y01 BA . 2.85 -5.72 -5.80
CAO Y01 BA . 4.20 -5.53 -5.16
CBB Y01 BA . 4.51 -6.47 -3.98
CAC Y01 BA . 4.64 -7.90 -4.48
CBE Y01 BA . 5.75 -5.96 -3.21
CAP Y01 BA . 5.82 -4.41 -3.15
CAQ Y01 BA . 6.44 -4.03 -1.79
CBG Y01 BA . 7.02 -5.35 -1.29
CBI Y01 BA . 5.98 -6.40 -1.73
CAE Y01 BA . 4.66 -6.28 -0.93
CAU Y01 BA . 6.62 -7.78 -1.50
CAS Y01 BA . 7.09 -7.96 -0.06
CBF Y01 BA . 8.06 -6.85 0.41
CBD Y01 BA . 7.48 -5.44 0.16
CAK Y01 BA . 8.54 -4.38 0.45
CAI Y01 BA . 9.36 -4.70 1.66
CAZ Y01 BA . 9.33 -5.84 2.34
CAV Y01 BA . 10.12 -6.00 3.62
CBH Y01 BA . 8.53 -7.05 1.88
CAD Y01 BA . 7.33 -7.22 2.85
CAT Y01 BA . 9.43 -8.30 1.96
CAR Y01 BA . 10.19 -8.44 3.29
CBC Y01 BA . 11.02 -7.21 3.57
OAW Y01 BA . 11.68 -7.31 4.87
CAY Y01 BA . 12.89 -7.88 4.92
OAG Y01 BA . 13.19 -8.86 4.32
CAM Y01 BA . 13.83 -7.10 5.80
CAL Y01 BA . 13.42 -6.94 7.25
CAX Y01 BA . 13.14 -8.24 7.98
OAH Y01 BA . 14.07 -9.06 8.11
OAF Y01 BA . 11.99 -8.43 8.43
#